data_4OIG
#
_entry.id   4OIG
#
_cell.length_a   109.175
_cell.length_b   81.962
_cell.length_c   97.189
_cell.angle_alpha   90.000
_cell.angle_beta   97.780
_cell.angle_gamma   90.000
#
_symmetry.space_group_name_H-M   'C 1 2 1'
#
loop_
_entity.id
_entity.type
_entity.pdbx_description
1 polymer 'Non-structural protein 1, NS1'
2 non-polymer 'SULFATE ION'
3 water water
#
_entity_poly.entity_id   1
_entity_poly.type   'polypeptide(L)'
_entity_poly.pdbx_seq_one_letter_code
;(MSE)AS(MSE)RDSYTQVCDHRL(MSE)SAAIKDSKAVHAD(MSE)GYWIESEKNETWKLARASFIEVKTCIWPKSHTL
WSNGVLESE(MSE)IIPKIYGGPISQHNYRPGYFTQTAGPWHLGKLELDFDLCEGTTVVVDEHCGNRGPSLRTTTVTGKT
IHEWCCRSCTLPPLRFKGEDGCWYG(MSE)EIRPVKEKEENLVKS(MSE)VSA
;
_entity_poly.pdbx_strand_id   A,B,D,E
#
loop_
_chem_comp.id
_chem_comp.type
_chem_comp.name
_chem_comp.formula
SO4 non-polymer 'SULFATE ION' 'O4 S -2'
#
# COMPACT_ATOMS: atom_id res chain seq x y z
N VAL A 11 -22.69 2.60 16.37
CA VAL A 11 -22.83 1.70 15.24
C VAL A 11 -21.69 0.67 15.21
N CYS A 12 -20.58 1.02 15.86
CA CYS A 12 -19.42 0.12 15.95
C CYS A 12 -19.13 -0.38 17.37
N ASP A 13 -19.40 -1.65 17.64
CA ASP A 13 -19.13 -2.19 18.97
C ASP A 13 -17.99 -3.20 18.88
N HIS A 14 -16.92 -2.89 19.58
CA HIS A 14 -15.68 -3.69 19.57
C HIS A 14 -15.84 -5.01 20.30
N ARG A 15 -16.73 -5.06 21.28
CA ARG A 15 -16.88 -6.24 22.13
C ARG A 15 -17.36 -7.47 21.37
N LEU A 16 -18.02 -7.24 20.24
CA LEU A 16 -18.52 -8.32 19.39
C LEU A 16 -17.39 -9.06 18.69
N MSE A 17 -16.44 -8.28 18.18
CA MSE A 17 -15.33 -8.79 17.38
C MSE A 17 -14.45 -9.82 18.10
O MSE A 17 -14.04 -9.63 19.23
CB MSE A 17 -14.46 -7.65 16.88
CG MSE A 17 -15.10 -6.86 15.75
SE MSE A 17 -14.23 -5.14 15.54
CE MSE A 17 -14.92 -4.64 13.78
N SER A 18 -14.18 -10.90 17.38
CA SER A 18 -13.40 -12.02 17.88
C SER A 18 -12.25 -12.35 16.94
N ALA A 19 -11.19 -12.93 17.49
CA ALA A 19 -10.11 -13.46 16.69
C ALA A 19 -9.57 -14.70 17.37
N ALA A 20 -9.29 -15.73 16.59
CA ALA A 20 -8.73 -16.95 17.16
C ALA A 20 -7.78 -17.61 16.19
N ILE A 21 -6.69 -18.18 16.70
CA ILE A 21 -5.80 -18.97 15.86
C ILE A 21 -5.42 -20.25 16.57
N LYS A 22 -5.56 -21.34 15.85
CA LYS A 22 -5.19 -22.66 16.31
C LYS A 22 -4.74 -23.52 15.14
N ASP A 23 -3.66 -24.26 15.32
CA ASP A 23 -3.17 -25.15 14.28
C ASP A 23 -2.93 -24.39 12.98
N SER A 24 -3.58 -24.84 11.91
CA SER A 24 -3.41 -24.25 10.58
C SER A 24 -4.52 -23.25 10.21
N LYS A 25 -5.36 -22.89 11.18
CA LYS A 25 -6.54 -22.07 10.88
C LYS A 25 -6.65 -20.83 11.78
N ALA A 26 -6.89 -19.67 11.17
CA ALA A 26 -7.09 -18.42 11.89
C ALA A 26 -8.39 -17.76 11.47
N VAL A 27 -9.07 -17.09 12.40
CA VAL A 27 -10.35 -16.47 12.09
C VAL A 27 -10.48 -15.10 12.76
N HIS A 28 -10.79 -14.09 11.96
CA HIS A 28 -11.26 -12.80 12.47
C HIS A 28 -12.75 -12.72 12.16
N ALA A 29 -13.57 -12.60 13.19
CA ALA A 29 -15.02 -12.66 13.01
C ALA A 29 -15.78 -11.64 13.84
N ASP A 30 -17.01 -11.35 13.45
CA ASP A 30 -17.93 -10.62 14.33
C ASP A 30 -19.35 -11.05 14.00
N MSE A 31 -20.32 -10.18 14.28
CA MSE A 31 -21.71 -10.56 14.10
C MSE A 31 -22.06 -10.87 12.65
O MSE A 31 -22.78 -11.84 12.38
CB MSE A 31 -22.66 -9.48 14.65
CG MSE A 31 -24.13 -9.88 14.58
SE MSE A 31 -25.32 -8.52 15.32
CE MSE A 31 -24.77 -8.56 17.21
N GLY A 32 -21.55 -10.06 11.72
CA GLY A 32 -21.82 -10.27 10.31
C GLY A 32 -20.60 -10.68 9.50
N TYR A 33 -19.43 -10.69 10.11
CA TYR A 33 -18.19 -10.98 9.40
C TYR A 33 -17.63 -12.33 9.78
N TRP A 34 -17.12 -13.03 8.78
CA TRP A 34 -16.31 -14.22 9.00
C TRP A 34 -15.13 -14.27 8.05
N ILE A 35 -13.92 -14.10 8.59
CA ILE A 35 -12.73 -14.03 7.77
C ILE A 35 -11.73 -15.11 8.18
N GLU A 36 -11.55 -16.09 7.32
CA GLU A 36 -10.71 -17.25 7.63
C GLU A 36 -9.42 -17.25 6.82
N SER A 37 -8.32 -17.40 7.53
CA SER A 37 -7.00 -17.51 6.96
C SER A 37 -6.42 -18.91 7.25
N GLU A 38 -5.69 -19.49 6.31
CA GLU A 38 -5.17 -20.84 6.53
C GLU A 38 -3.68 -20.94 6.23
N LYS A 39 -3.05 -22.01 6.69
CA LYS A 39 -1.64 -22.21 6.43
C LYS A 39 -1.37 -23.46 5.58
N ASN A 40 -0.97 -23.22 4.33
CA ASN A 40 -0.30 -24.19 3.47
C ASN A 40 0.95 -23.47 2.98
N GLU A 41 2.12 -23.98 3.37
CA GLU A 41 3.41 -23.37 3.04
C GLU A 41 3.53 -22.08 3.84
N THR A 42 2.54 -21.22 3.63
CA THR A 42 2.45 -19.90 4.25
C THR A 42 1.02 -19.52 4.61
N TRP A 43 0.90 -18.60 5.56
CA TRP A 43 -0.40 -18.08 5.96
C TRP A 43 -0.94 -17.13 4.91
N LYS A 44 -2.19 -17.33 4.51
CA LYS A 44 -2.84 -16.42 3.57
C LYS A 44 -4.36 -16.53 3.69
N LEU A 45 -5.05 -15.51 3.19
CA LEU A 45 -6.50 -15.47 3.23
C LEU A 45 -7.11 -16.65 2.49
N ALA A 46 -8.08 -17.31 3.13
CA ALA A 46 -8.72 -18.47 2.52
C ALA A 46 -10.17 -18.19 2.16
N ARG A 47 -10.98 -17.90 3.16
CA ARG A 47 -12.41 -17.70 2.92
C ARG A 47 -12.91 -16.47 3.64
N ALA A 48 -14.00 -15.89 3.15
CA ALA A 48 -14.64 -14.77 3.83
C ALA A 48 -16.13 -14.77 3.53
N SER A 49 -16.94 -14.57 4.57
CA SER A 49 -18.38 -14.46 4.41
C SER A 49 -18.87 -13.19 5.07
N PHE A 50 -19.68 -12.44 4.34
CA PHE A 50 -20.26 -11.20 4.82
C PHE A 50 -21.76 -11.30 4.71
N ILE A 51 -22.47 -11.26 5.85
CA ILE A 51 -23.93 -11.20 5.82
C ILE A 51 -24.27 -9.78 5.43
N GLU A 52 -23.54 -8.82 5.98
CA GLU A 52 -23.66 -7.43 5.56
C GLU A 52 -22.31 -6.73 5.68
N VAL A 53 -21.92 -6.01 4.65
CA VAL A 53 -20.66 -5.28 4.68
C VAL A 53 -20.79 -4.05 5.57
N LYS A 54 -19.88 -3.91 6.53
CA LYS A 54 -19.92 -2.82 7.49
C LYS A 54 -18.69 -1.91 7.32
N THR A 55 -18.82 -0.64 7.72
CA THR A 55 -17.76 0.33 7.47
C THR A 55 -16.86 0.54 8.70
N CYS A 56 -17.07 -0.25 9.74
CA CYS A 56 -16.29 -0.13 10.98
C CYS A 56 -14.82 -0.48 10.76
N ILE A 57 -13.95 0.17 11.51
CA ILE A 57 -12.51 -0.12 11.46
C ILE A 57 -12.17 -1.23 12.46
N TRP A 58 -11.29 -2.14 12.05
CA TRP A 58 -10.92 -3.26 12.90
C TRP A 58 -9.76 -2.88 13.82
N PRO A 59 -10.00 -2.92 15.14
CA PRO A 59 -9.02 -2.58 16.17
C PRO A 59 -7.84 -3.56 16.22
N LYS A 60 -6.62 -3.04 16.29
CA LYS A 60 -5.44 -3.90 16.29
C LYS A 60 -5.36 -4.77 17.54
N SER A 61 -6.06 -4.37 18.59
CA SER A 61 -6.15 -5.19 19.80
C SER A 61 -6.83 -6.51 19.50
N HIS A 62 -7.80 -6.47 18.60
CA HIS A 62 -8.52 -7.67 18.18
C HIS A 62 -7.93 -8.27 16.91
N THR A 63 -6.76 -7.79 16.50
CA THR A 63 -6.18 -8.24 15.25
C THR A 63 -4.95 -9.14 15.47
N LEU A 64 -4.95 -10.28 14.78
CA LEU A 64 -3.79 -11.17 14.74
C LEU A 64 -2.78 -10.68 13.74
N TRP A 65 -1.49 -10.80 14.07
CA TRP A 65 -0.41 -10.53 13.13
C TRP A 65 -0.54 -9.14 12.50
N SER A 66 -0.65 -8.12 13.35
CA SER A 66 -0.93 -6.77 12.88
C SER A 66 0.32 -5.92 12.63
N ASN A 67 1.49 -6.54 12.77
CA ASN A 67 2.75 -5.83 12.59
C ASN A 67 3.22 -5.86 11.13
N GLY A 68 3.85 -4.77 10.70
CA GLY A 68 4.43 -4.70 9.38
C GLY A 68 3.45 -4.91 8.23
N VAL A 69 2.22 -4.50 8.44
CA VAL A 69 1.19 -4.70 7.42
C VAL A 69 1.26 -3.60 6.38
N LEU A 70 1.43 -4.01 5.12
CA LEU A 70 1.39 -3.08 4.00
C LEU A 70 -0.06 -2.94 3.54
N GLU A 71 -0.55 -1.72 3.45
CA GLU A 71 -1.95 -1.47 3.14
C GLU A 71 -2.39 -2.03 1.78
N SER A 72 -1.47 -2.02 0.82
CA SER A 72 -1.77 -2.48 -0.54
C SER A 72 -1.97 -3.99 -0.63
N GLU A 73 -1.43 -4.73 0.34
CA GLU A 73 -1.50 -6.18 0.30
C GLU A 73 -2.71 -6.71 1.07
N MSE A 74 -3.47 -5.81 1.69
CA MSE A 74 -4.69 -6.19 2.37
C MSE A 74 -5.80 -6.42 1.37
O MSE A 74 -6.26 -5.47 0.76
CB MSE A 74 -5.12 -5.10 3.35
CG MSE A 74 -4.19 -4.88 4.50
SE MSE A 74 -4.81 -3.36 5.56
CE MSE A 74 -6.55 -4.05 6.09
N ILE A 75 -6.23 -7.66 1.22
CA ILE A 75 -7.26 -8.00 0.24
C ILE A 75 -8.58 -7.28 0.53
N ILE A 76 -9.07 -7.42 1.76
CA ILE A 76 -10.24 -6.70 2.23
C ILE A 76 -9.84 -5.37 2.83
N PRO A 77 -10.33 -4.26 2.23
CA PRO A 77 -9.98 -2.90 2.69
C PRO A 77 -10.31 -2.69 4.17
N LYS A 78 -9.47 -1.94 4.88
CA LYS A 78 -9.71 -1.69 6.29
C LYS A 78 -10.96 -0.84 6.49
N ILE A 79 -11.30 -0.07 5.47
CA ILE A 79 -12.48 0.80 5.53
C ILE A 79 -13.75 -0.04 5.56
N TYR A 80 -13.68 -1.25 5.02
CA TYR A 80 -14.84 -2.16 5.03
C TYR A 80 -14.67 -3.19 6.14
N GLY A 81 -13.68 -2.97 7.01
CA GLY A 81 -13.50 -3.83 8.16
C GLY A 81 -12.49 -4.93 7.96
N GLY A 82 -11.70 -4.85 6.90
CA GLY A 82 -10.63 -5.80 6.69
C GLY A 82 -9.58 -5.61 7.76
N PRO A 83 -9.26 -6.67 8.50
CA PRO A 83 -8.26 -6.55 9.56
C PRO A 83 -6.91 -6.11 9.01
N ILE A 84 -6.21 -5.25 9.74
CA ILE A 84 -4.90 -4.80 9.30
C ILE A 84 -3.95 -5.88 9.76
N SER A 85 -3.73 -6.84 8.87
CA SER A 85 -3.12 -8.11 9.25
C SER A 85 -2.55 -8.79 8.02
N GLN A 86 -1.55 -9.64 8.25
CA GLN A 86 -0.95 -10.39 7.16
C GLN A 86 -1.72 -11.67 6.89
N HIS A 87 -2.72 -11.95 7.72
CA HIS A 87 -3.70 -13.00 7.44
C HIS A 87 -4.65 -12.53 6.35
N ASN A 88 -4.72 -11.21 6.19
CA ASN A 88 -5.54 -10.55 5.18
C ASN A 88 -4.77 -10.39 3.88
N TYR A 89 -3.78 -11.25 3.68
CA TYR A 89 -2.97 -11.18 2.47
C TYR A 89 -3.35 -12.31 1.52
N ARG A 90 -2.92 -12.19 0.26
CA ARG A 90 -3.01 -13.27 -0.70
C ARG A 90 -2.10 -12.95 -1.86
N PRO A 91 -1.17 -13.88 -2.16
CA PRO A 91 -0.15 -13.67 -3.19
C PRO A 91 -0.74 -13.46 -4.58
N GLY A 92 -0.24 -12.44 -5.27
CA GLY A 92 -0.66 -12.12 -6.62
C GLY A 92 -1.86 -11.18 -6.65
N TYR A 93 -2.41 -10.89 -5.48
CA TYR A 93 -3.56 -10.00 -5.39
C TYR A 93 -3.27 -8.84 -4.45
N PHE A 94 -3.93 -7.72 -4.71
CA PHE A 94 -3.75 -6.54 -3.89
C PHE A 94 -5.11 -6.07 -3.37
N THR A 95 -5.13 -4.90 -2.72
CA THR A 95 -6.33 -4.44 -2.05
C THR A 95 -7.53 -4.25 -3.01
N GLN A 96 -8.66 -4.85 -2.63
CA GLN A 96 -9.84 -4.83 -3.48
C GLN A 96 -10.75 -3.66 -3.13
N THR A 97 -10.23 -2.46 -3.34
CA THR A 97 -10.97 -1.24 -3.06
C THR A 97 -12.19 -1.12 -3.96
N ALA A 98 -12.01 -1.54 -5.21
CA ALA A 98 -13.06 -1.47 -6.21
C ALA A 98 -13.85 -2.76 -6.32
N GLY A 99 -13.73 -3.62 -5.31
CA GLY A 99 -14.50 -4.85 -5.27
C GLY A 99 -15.99 -4.62 -5.07
N PRO A 100 -16.81 -5.64 -5.35
CA PRO A 100 -18.27 -5.49 -5.26
C PRO A 100 -18.77 -5.51 -3.83
N TRP A 101 -18.37 -4.55 -3.01
CA TRP A 101 -18.75 -4.58 -1.58
C TRP A 101 -20.18 -4.06 -1.32
N HIS A 102 -20.84 -3.65 -2.39
CA HIS A 102 -22.22 -3.14 -2.37
C HIS A 102 -23.28 -4.23 -2.37
N LEU A 103 -22.84 -5.47 -2.51
CA LEU A 103 -23.75 -6.60 -2.76
C LEU A 103 -24.50 -7.07 -1.51
N GLY A 104 -24.16 -6.49 -0.36
CA GLY A 104 -24.73 -6.96 0.89
C GLY A 104 -24.21 -8.33 1.25
N LYS A 105 -25.07 -9.35 1.23
CA LYS A 105 -24.59 -10.72 1.36
C LYS A 105 -23.56 -11.04 0.29
N LEU A 106 -22.37 -11.47 0.73
CA LEU A 106 -21.24 -11.62 -0.18
C LEU A 106 -20.26 -12.70 0.32
N GLU A 107 -19.71 -13.49 -0.60
CA GLU A 107 -18.68 -14.46 -0.24
C GLU A 107 -17.38 -14.29 -1.02
N LEU A 108 -16.26 -14.17 -0.32
CA LEU A 108 -14.95 -14.04 -0.98
C LEU A 108 -14.18 -15.34 -0.82
N ASP A 109 -13.79 -15.96 -1.92
CA ASP A 109 -12.93 -17.12 -1.85
C ASP A 109 -12.05 -17.21 -3.09
N PHE A 110 -11.32 -18.31 -3.23
CA PHE A 110 -10.48 -18.45 -4.41
C PHE A 110 -10.83 -19.72 -5.19
N ASP A 111 -11.59 -19.49 -6.26
CA ASP A 111 -12.11 -20.54 -7.10
C ASP A 111 -12.51 -19.96 -8.44
N LEU A 112 -12.87 -20.82 -9.36
CA LEU A 112 -13.23 -20.41 -10.70
C LEU A 112 -14.74 -20.14 -10.75
N CYS A 113 -15.11 -18.98 -11.28
CA CYS A 113 -16.52 -18.70 -11.54
C CYS A 113 -17.03 -19.66 -12.61
N GLU A 114 -18.26 -20.14 -12.43
CA GLU A 114 -18.88 -21.14 -13.32
C GLU A 114 -18.93 -20.65 -14.77
N GLY A 115 -18.41 -21.46 -15.69
CA GLY A 115 -18.43 -21.11 -17.10
C GLY A 115 -17.32 -20.18 -17.55
N THR A 116 -16.31 -19.99 -16.71
CA THR A 116 -15.20 -19.09 -17.00
C THR A 116 -13.84 -19.77 -16.90
N THR A 117 -12.84 -19.19 -17.54
CA THR A 117 -11.46 -19.64 -17.39
C THR A 117 -10.62 -18.41 -17.12
N VAL A 118 -9.59 -18.58 -16.31
CA VAL A 118 -8.68 -17.49 -15.99
C VAL A 118 -7.28 -17.89 -16.42
N VAL A 119 -6.62 -16.98 -17.11
CA VAL A 119 -5.29 -17.24 -17.64
C VAL A 119 -4.30 -16.17 -17.18
N VAL A 120 -3.14 -16.60 -16.68
CA VAL A 120 -2.10 -15.65 -16.33
C VAL A 120 -1.37 -15.22 -17.60
N ASP A 121 -1.50 -13.94 -17.96
CA ASP A 121 -0.87 -13.43 -19.16
C ASP A 121 -0.47 -11.96 -18.97
N GLU A 122 0.78 -11.63 -19.28
CA GLU A 122 1.24 -10.25 -19.10
C GLU A 122 0.65 -9.31 -20.12
N HIS A 123 0.04 -9.87 -21.16
CA HIS A 123 -0.57 -9.07 -22.22
C HIS A 123 -2.01 -8.72 -21.88
N CYS A 124 -2.41 -9.07 -20.66
CA CYS A 124 -3.77 -8.82 -20.22
C CYS A 124 -3.93 -7.36 -19.81
N GLY A 125 -5.16 -6.97 -19.50
CA GLY A 125 -5.44 -5.63 -19.03
C GLY A 125 -4.95 -5.50 -17.60
N ASN A 126 -4.76 -4.26 -17.15
CA ASN A 126 -4.28 -4.02 -15.80
C ASN A 126 -5.44 -4.11 -14.81
N ARG A 127 -5.12 -3.88 -13.54
CA ARG A 127 -6.13 -3.89 -12.46
C ARG A 127 -7.21 -2.85 -12.72
N GLY A 128 -8.46 -3.22 -12.49
CA GLY A 128 -9.56 -2.29 -12.67
C GLY A 128 -10.68 -2.64 -11.73
N PRO A 129 -11.80 -1.92 -11.81
CA PRO A 129 -12.96 -2.23 -10.97
C PRO A 129 -13.44 -3.66 -11.18
N SER A 130 -13.84 -4.31 -10.10
CA SER A 130 -14.25 -5.70 -10.14
C SER A 130 -15.46 -5.88 -11.08
N LEU A 131 -15.45 -6.97 -11.85
CA LEU A 131 -16.47 -7.19 -12.88
C LEU A 131 -17.32 -8.43 -12.62
N ARG A 132 -18.58 -8.38 -13.02
CA ARG A 132 -19.45 -9.55 -12.91
C ARG A 132 -19.26 -10.47 -14.12
N THR A 133 -19.35 -11.78 -13.91
CA THR A 133 -19.09 -12.74 -14.98
C THR A 133 -20.23 -12.81 -16.01
N THR A 134 -21.34 -12.16 -15.72
CA THR A 134 -22.42 -12.07 -16.69
C THR A 134 -22.67 -10.62 -17.07
N THR A 135 -23.02 -10.40 -18.34
CA THR A 135 -23.34 -9.07 -18.84
C THR A 135 -24.73 -8.68 -18.38
N VAL A 136 -25.23 -7.56 -18.88
CA VAL A 136 -26.59 -7.12 -18.53
C VAL A 136 -27.63 -8.03 -19.17
N THR A 137 -27.21 -8.76 -20.19
CA THR A 137 -28.06 -9.70 -20.92
C THR A 137 -28.17 -11.03 -20.19
N GLY A 138 -27.16 -11.35 -19.38
CA GLY A 138 -27.14 -12.62 -18.70
C GLY A 138 -26.13 -13.52 -19.39
N LYS A 139 -25.47 -12.96 -20.40
CA LYS A 139 -24.45 -13.68 -21.13
C LYS A 139 -23.20 -13.87 -20.28
N THR A 140 -22.71 -15.09 -20.23
CA THR A 140 -21.54 -15.39 -19.42
C THR A 140 -20.28 -15.05 -20.17
N ILE A 141 -19.46 -14.16 -19.60
CA ILE A 141 -18.16 -13.87 -20.17
C ILE A 141 -17.22 -15.04 -19.86
N HIS A 142 -16.70 -15.67 -20.90
CA HIS A 142 -15.95 -16.91 -20.78
C HIS A 142 -14.48 -16.72 -20.46
N GLU A 143 -13.77 -16.01 -21.32
CA GLU A 143 -12.31 -15.92 -21.19
C GLU A 143 -11.86 -14.70 -20.39
N TRP A 144 -11.16 -15.00 -19.30
CA TRP A 144 -10.60 -13.99 -18.42
C TRP A 144 -9.09 -14.17 -18.30
N CYS A 145 -8.44 -13.13 -17.80
CA CYS A 145 -7.00 -13.18 -17.66
C CYS A 145 -6.54 -12.27 -16.52
N CYS A 146 -5.27 -12.40 -16.16
CA CYS A 146 -4.65 -11.53 -15.19
C CYS A 146 -3.17 -11.44 -15.53
N ARG A 147 -2.58 -10.29 -15.22
CA ARG A 147 -1.17 -10.06 -15.49
C ARG A 147 -0.19 -10.83 -14.60
N SER A 148 -0.34 -10.65 -13.29
CA SER A 148 0.51 -11.29 -12.30
C SER A 148 -0.19 -12.10 -11.21
N CYS A 149 -1.49 -12.33 -11.31
CA CYS A 149 -2.19 -12.95 -10.19
C CYS A 149 -1.91 -14.45 -10.08
N THR A 150 -2.50 -15.09 -9.06
CA THR A 150 -2.26 -16.51 -8.81
C THR A 150 -3.54 -17.31 -8.89
N LEU A 151 -3.39 -18.62 -9.01
CA LEU A 151 -4.54 -19.48 -9.07
C LEU A 151 -4.67 -20.34 -7.83
N PRO A 152 -5.91 -20.70 -7.46
CA PRO A 152 -7.21 -20.37 -8.05
C PRO A 152 -7.52 -18.87 -7.91
N PRO A 153 -8.31 -18.30 -8.83
CA PRO A 153 -8.56 -16.84 -8.91
C PRO A 153 -9.43 -16.28 -7.79
N LEU A 154 -9.26 -15.00 -7.48
CA LEU A 154 -10.09 -14.30 -6.48
C LEU A 154 -11.53 -14.17 -6.97
N ARG A 155 -12.46 -14.67 -6.17
CA ARG A 155 -13.87 -14.77 -6.54
C ARG A 155 -14.82 -14.21 -5.48
N PHE A 156 -15.80 -13.42 -5.93
CA PHE A 156 -16.91 -12.98 -5.08
C PHE A 156 -18.21 -13.67 -5.52
N LYS A 157 -19.04 -14.04 -4.57
CA LYS A 157 -20.35 -14.62 -4.91
C LYS A 157 -21.47 -13.93 -4.13
N GLY A 158 -22.37 -13.29 -4.86
CA GLY A 158 -23.61 -12.79 -4.32
C GLY A 158 -24.74 -13.67 -4.83
N GLU A 159 -25.98 -13.37 -4.44
CA GLU A 159 -27.12 -14.15 -4.92
C GLU A 159 -27.49 -13.73 -6.35
N ASP A 160 -26.96 -12.59 -6.77
CA ASP A 160 -27.21 -12.08 -8.11
C ASP A 160 -26.30 -12.74 -9.15
N GLY A 161 -25.06 -13.01 -8.77
CA GLY A 161 -24.11 -13.60 -9.70
C GLY A 161 -22.70 -13.79 -9.14
N CYS A 162 -21.73 -13.91 -10.04
CA CYS A 162 -20.34 -14.17 -9.66
C CYS A 162 -19.37 -13.10 -10.17
N TRP A 163 -18.41 -12.73 -9.34
CA TRP A 163 -17.48 -11.65 -9.63
C TRP A 163 -16.03 -12.10 -9.49
N TYR A 164 -15.13 -11.40 -10.16
CA TYR A 164 -13.70 -11.70 -10.08
C TYR A 164 -12.93 -10.55 -9.47
N GLY A 165 -11.76 -10.85 -8.93
CA GLY A 165 -10.90 -9.83 -8.33
C GLY A 165 -10.48 -8.80 -9.37
N MSE A 166 -10.09 -7.64 -8.88
CA MSE A 166 -9.70 -6.52 -9.72
C MSE A 166 -8.61 -6.86 -10.74
O MSE A 166 -8.51 -6.23 -11.78
CB MSE A 166 -9.23 -5.35 -8.85
CG MSE A 166 -10.33 -4.78 -7.96
SE MSE A 166 -9.72 -3.27 -6.90
CE MSE A 166 -9.05 -2.14 -8.35
N GLU A 167 -7.79 -7.86 -10.40
CA GLU A 167 -6.68 -8.23 -11.27
C GLU A 167 -7.16 -9.03 -12.46
N ILE A 168 -8.37 -9.55 -12.37
CA ILE A 168 -8.91 -10.45 -13.39
C ILE A 168 -9.84 -9.70 -14.35
N ARG A 169 -9.40 -9.60 -15.60
CA ARG A 169 -10.14 -8.86 -16.62
C ARG A 169 -10.56 -9.81 -17.74
N PRO A 170 -11.61 -9.45 -18.48
CA PRO A 170 -12.05 -10.23 -19.66
C PRO A 170 -10.96 -10.16 -20.72
N VAL A 171 -10.77 -11.24 -21.47
CA VAL A 171 -9.69 -11.23 -22.44
C VAL A 171 -9.94 -10.38 -23.68
N LYS A 172 -11.10 -10.57 -24.30
CA LYS A 172 -11.39 -9.95 -25.59
C LYS A 172 -12.58 -8.99 -25.65
N GLU A 173 -13.24 -8.73 -24.53
CA GLU A 173 -14.54 -8.04 -24.55
C GLU A 173 -14.44 -6.52 -24.80
N LYS A 174 -14.80 -6.17 -26.03
CA LYS A 174 -14.97 -4.81 -26.49
C LYS A 174 -16.15 -4.04 -25.87
N GLU A 175 -17.31 -4.64 -25.65
CA GLU A 175 -18.37 -3.80 -25.13
C GLU A 175 -18.24 -3.45 -23.66
N GLU A 176 -18.38 -2.16 -23.34
CA GLU A 176 -18.48 -1.80 -21.93
C GLU A 176 -19.98 -1.88 -21.64
N ASN A 177 -20.52 -3.10 -21.62
CA ASN A 177 -21.86 -3.36 -21.15
C ASN A 177 -21.70 -4.18 -19.89
N LEU A 178 -20.46 -4.13 -19.43
CA LEU A 178 -19.96 -4.86 -18.28
C LEU A 178 -20.74 -4.42 -17.07
N VAL A 179 -21.01 -5.35 -16.18
CA VAL A 179 -21.63 -4.94 -14.95
C VAL A 179 -20.42 -4.69 -14.07
N LYS A 180 -20.30 -3.46 -13.60
CA LYS A 180 -19.11 -3.12 -12.85
C LYS A 180 -19.33 -2.37 -11.53
N SER A 181 -18.51 -2.70 -10.54
CA SER A 181 -18.56 -2.02 -9.24
C SER A 181 -18.05 -0.59 -9.42
N MSE A 182 -18.77 0.43 -8.94
CA MSE A 182 -18.27 1.79 -9.13
C MSE A 182 -17.75 2.44 -7.84
O MSE A 182 -17.53 3.66 -7.81
CB MSE A 182 -19.31 2.68 -9.82
CG MSE A 182 -19.71 2.28 -11.25
SE MSE A 182 -21.10 3.53 -11.90
CE MSE A 182 -20.15 5.26 -11.75
N VAL A 183 -17.52 1.66 -6.79
CA VAL A 183 -17.03 2.23 -5.54
C VAL A 183 -15.52 2.48 -5.55
N SER A 184 -15.11 3.65 -5.08
CA SER A 184 -13.69 3.98 -4.99
C SER A 184 -13.28 4.13 -3.53
N ALA A 185 -12.07 3.67 -3.20
CA ALA A 185 -11.56 3.81 -1.84
C ALA A 185 -10.14 4.41 -1.82
N VAL B 11 11.82 -29.24 19.69
CA VAL B 11 11.37 -28.80 21.00
C VAL B 11 10.45 -27.58 20.87
N CYS B 12 10.57 -26.84 19.76
CA CYS B 12 9.70 -25.69 19.53
C CYS B 12 8.74 -25.89 18.37
N ASP B 13 7.46 -26.10 18.70
CA ASP B 13 6.41 -26.33 17.70
C ASP B 13 5.41 -25.19 17.66
N HIS B 14 5.28 -24.54 16.51
CA HIS B 14 4.40 -23.39 16.42
C HIS B 14 2.92 -23.77 16.49
N ARG B 15 2.59 -24.98 16.03
CA ARG B 15 1.20 -25.41 15.93
C ARG B 15 0.54 -25.54 17.31
N LEU B 16 1.35 -25.73 18.35
CA LEU B 16 0.84 -25.87 19.71
C LEU B 16 0.29 -24.53 20.23
N MSE B 17 0.91 -23.43 19.78
CA MSE B 17 0.54 -22.08 20.18
C MSE B 17 -0.82 -21.59 19.66
O MSE B 17 -1.07 -21.60 18.46
CB MSE B 17 1.64 -21.11 19.78
CG MSE B 17 2.83 -21.10 20.74
SE MSE B 17 4.53 -20.60 19.89
CE MSE B 17 5.60 -20.24 21.47
N SER B 18 -1.66 -21.17 20.59
CA SER B 18 -3.00 -20.69 20.31
C SER B 18 -3.16 -19.25 20.77
N ALA B 19 -4.06 -18.51 20.13
CA ALA B 19 -4.44 -17.19 20.60
C ALA B 19 -5.92 -16.95 20.32
N ALA B 20 -6.62 -16.39 21.29
CA ALA B 20 -8.04 -16.08 21.11
C ALA B 20 -8.44 -14.82 21.85
N ILE B 21 -9.30 -14.02 21.25
CA ILE B 21 -9.85 -12.87 21.96
C ILE B 21 -11.35 -12.79 21.71
N LYS B 22 -12.09 -12.62 22.80
CA LYS B 22 -13.53 -12.47 22.75
C LYS B 22 -13.93 -11.58 23.91
N ASP B 23 -14.82 -10.64 23.64
CA ASP B 23 -15.33 -9.73 24.66
C ASP B 23 -14.19 -8.99 25.34
N SER B 24 -14.10 -9.11 26.66
CA SER B 24 -13.08 -8.42 27.44
C SER B 24 -11.86 -9.27 27.79
N LYS B 25 -11.75 -10.45 27.18
CA LYS B 25 -10.72 -11.42 27.55
C LYS B 25 -9.91 -11.93 26.34
N ALA B 26 -8.58 -11.92 26.48
CA ALA B 26 -7.66 -12.41 25.47
C ALA B 26 -6.70 -13.43 26.05
N VAL B 27 -6.31 -14.41 25.27
CA VAL B 27 -5.42 -15.46 25.73
C VAL B 27 -4.41 -15.84 24.67
N HIS B 28 -3.12 -15.79 25.04
CA HIS B 28 -2.04 -16.41 24.28
C HIS B 28 -1.59 -17.63 25.06
N ALA B 29 -1.68 -18.81 24.47
CA ALA B 29 -1.39 -20.02 25.22
C ALA B 29 -0.60 -21.05 24.42
N ASP B 30 0.06 -21.97 25.12
CA ASP B 30 0.58 -23.14 24.45
C ASP B 30 0.60 -24.28 25.47
N MSE B 31 1.38 -25.31 25.16
CA MSE B 31 1.47 -26.52 25.97
C MSE B 31 1.71 -26.23 27.45
O MSE B 31 1.03 -26.79 28.32
CB MSE B 31 2.60 -27.39 25.42
CG MSE B 31 2.66 -28.81 25.95
SE MSE B 31 4.10 -29.77 25.03
CE MSE B 31 5.64 -29.00 26.01
N GLY B 32 2.66 -25.35 27.73
CA GLY B 32 3.04 -25.04 29.10
C GLY B 32 2.71 -23.62 29.52
N TYR B 33 2.23 -22.82 28.57
CA TYR B 33 1.94 -21.41 28.82
C TYR B 33 0.46 -21.08 28.81
N TRP B 34 0.06 -20.20 29.73
CA TRP B 34 -1.26 -19.60 29.69
C TRP B 34 -1.17 -18.11 30.02
N ILE B 35 -1.40 -17.25 29.04
CA ILE B 35 -1.24 -15.80 29.23
C ILE B 35 -2.52 -15.06 28.93
N GLU B 36 -3.14 -14.51 29.98
CA GLU B 36 -4.44 -13.86 29.85
C GLU B 36 -4.33 -12.36 30.04
N SER B 37 -4.90 -11.66 29.07
CA SER B 37 -5.00 -10.21 29.05
C SER B 37 -6.46 -9.82 29.15
N GLU B 38 -6.75 -8.74 29.87
CA GLU B 38 -8.14 -8.32 30.06
C GLU B 38 -8.32 -6.84 29.74
N LYS B 39 -9.59 -6.43 29.59
CA LYS B 39 -9.89 -5.02 29.32
C LYS B 39 -10.67 -4.41 30.47
N ASN B 40 -10.00 -3.53 31.19
CA ASN B 40 -10.64 -2.55 32.05
C ASN B 40 -10.04 -1.21 31.65
N GLU B 41 -10.86 -0.31 31.11
CA GLU B 41 -10.41 0.99 30.63
C GLU B 41 -9.56 0.76 29.38
N THR B 42 -8.51 -0.05 29.55
CA THR B 42 -7.56 -0.39 28.49
C THR B 42 -7.16 -1.85 28.60
N TRP B 43 -6.69 -2.43 27.49
CA TRP B 43 -6.20 -3.80 27.49
C TRP B 43 -4.84 -3.86 28.15
N LYS B 44 -4.66 -4.81 29.07
CA LYS B 44 -3.38 -5.00 29.73
C LYS B 44 -3.27 -6.41 30.27
N LEU B 45 -2.05 -6.82 30.56
CA LEU B 45 -1.77 -8.15 31.09
C LEU B 45 -2.47 -8.37 32.43
N ALA B 46 -3.15 -9.50 32.57
CA ALA B 46 -3.86 -9.82 33.81
C ALA B 46 -3.19 -10.98 34.55
N ARG B 47 -3.18 -12.15 33.92
CA ARG B 47 -2.65 -13.35 34.56
C ARG B 47 -1.74 -14.13 33.62
N ALA B 48 -0.84 -14.92 34.20
CA ALA B 48 0.02 -15.81 33.44
C ALA B 48 0.35 -17.05 34.30
N SER B 49 0.30 -18.23 33.68
CA SER B 49 0.66 -19.45 34.36
C SER B 49 1.70 -20.19 33.53
N PHE B 50 2.75 -20.62 34.21
CA PHE B 50 3.84 -21.35 33.58
C PHE B 50 4.03 -22.69 34.27
N ILE B 51 3.80 -23.78 33.54
CA ILE B 51 4.09 -25.12 34.04
C ILE B 51 5.60 -25.35 33.98
N GLU B 52 6.19 -24.87 32.88
CA GLU B 52 7.62 -24.85 32.68
C GLU B 52 7.99 -23.64 31.84
N VAL B 53 9.02 -22.91 32.24
CA VAL B 53 9.45 -21.77 31.46
C VAL B 53 10.14 -22.23 30.19
N LYS B 54 9.69 -21.74 29.04
CA LYS B 54 10.28 -22.18 27.78
C LYS B 54 10.98 -21.03 27.09
N THR B 55 11.97 -21.38 26.28
CA THR B 55 12.81 -20.37 25.63
C THR B 55 12.39 -20.11 24.17
N CYS B 56 11.27 -20.70 23.74
CA CYS B 56 10.81 -20.56 22.34
C CYS B 56 10.37 -19.12 22.05
N ILE B 57 10.56 -18.68 20.80
CA ILE B 57 10.10 -17.35 20.41
C ILE B 57 8.65 -17.45 19.91
N TRP B 58 7.82 -16.48 20.28
CA TRP B 58 6.41 -16.49 19.91
C TRP B 58 6.21 -15.84 18.55
N PRO B 59 5.72 -16.61 17.56
CA PRO B 59 5.52 -16.06 16.21
C PRO B 59 4.42 -15.01 16.17
N LYS B 60 4.70 -13.89 15.51
CA LYS B 60 3.75 -12.79 15.43
C LYS B 60 2.50 -13.17 14.64
N SER B 61 2.63 -14.20 13.81
CA SER B 61 1.49 -14.75 13.09
C SER B 61 0.48 -15.30 14.08
N HIS B 62 0.97 -15.86 15.18
CA HIS B 62 0.10 -16.39 16.23
C HIS B 62 -0.14 -15.37 17.34
N THR B 63 0.27 -14.13 17.10
CA THR B 63 0.20 -13.08 18.11
C THR B 63 -0.88 -12.03 17.82
N LEU B 64 -1.69 -11.73 18.83
CA LEU B 64 -2.65 -10.63 18.77
C LEU B 64 -1.94 -9.31 19.03
N TRP B 65 -2.32 -8.26 18.30
CA TRP B 65 -1.85 -6.91 18.57
C TRP B 65 -0.32 -6.84 18.61
N SER B 66 0.32 -7.32 17.54
CA SER B 66 1.77 -7.45 17.50
C SER B 66 2.48 -6.24 16.89
N ASN B 67 1.71 -5.20 16.60
CA ASN B 67 2.24 -3.98 15.98
C ASN B 67 2.74 -2.96 17.00
N GLY B 68 3.81 -2.26 16.65
CA GLY B 68 4.33 -1.17 17.46
C GLY B 68 4.73 -1.57 18.87
N VAL B 69 5.17 -2.81 19.03
CA VAL B 69 5.54 -3.34 20.34
C VAL B 69 6.96 -2.95 20.74
N LEU B 70 7.08 -2.29 21.87
CA LEU B 70 8.39 -1.97 22.44
C LEU B 70 8.88 -3.10 23.32
N GLU B 71 10.10 -3.57 23.05
CA GLU B 71 10.66 -4.72 23.75
C GLU B 71 10.74 -4.43 25.25
N SER B 72 11.01 -3.17 25.58
CA SER B 72 11.18 -2.76 26.96
C SER B 72 9.92 -2.85 27.81
N GLU B 73 8.77 -2.78 27.16
CA GLU B 73 7.49 -2.79 27.86
C GLU B 73 6.88 -4.18 27.97
N MSE B 74 7.46 -5.14 27.24
CA MSE B 74 6.95 -6.51 27.27
C MSE B 74 7.21 -7.16 28.61
O MSE B 74 8.35 -7.51 28.92
CB MSE B 74 7.63 -7.34 26.18
CG MSE B 74 7.19 -7.00 24.77
SE MSE B 74 8.21 -8.06 23.50
CE MSE B 74 7.75 -9.83 24.18
N ILE B 75 6.16 -7.32 29.41
CA ILE B 75 6.30 -7.84 30.76
C ILE B 75 7.06 -9.14 30.76
N ILE B 76 6.57 -10.09 29.96
CA ILE B 76 7.27 -11.34 29.75
C ILE B 76 8.24 -11.18 28.58
N PRO B 77 9.55 -11.36 28.85
CA PRO B 77 10.58 -11.20 27.83
C PRO B 77 10.33 -12.12 26.64
N LYS B 78 10.63 -11.68 25.42
CA LYS B 78 10.39 -12.51 24.25
C LYS B 78 11.28 -13.75 24.29
N ILE B 79 12.40 -13.66 24.99
CA ILE B 79 13.34 -14.76 25.09
C ILE B 79 12.74 -15.91 25.91
N TYR B 80 11.79 -15.59 26.79
CA TYR B 80 11.12 -16.61 27.59
C TYR B 80 9.75 -16.99 27.03
N GLY B 81 9.45 -16.54 25.81
CA GLY B 81 8.22 -16.93 25.14
C GLY B 81 7.10 -15.92 25.33
N GLY B 82 7.46 -14.74 25.81
CA GLY B 82 6.51 -13.65 25.93
C GLY B 82 6.07 -13.16 24.57
N PRO B 83 4.75 -13.16 24.31
CA PRO B 83 4.25 -12.71 23.01
C PRO B 83 4.65 -11.27 22.73
N ILE B 84 5.00 -10.98 21.49
CA ILE B 84 5.37 -9.63 21.13
C ILE B 84 4.05 -8.93 20.86
N SER B 85 3.53 -8.30 21.91
CA SER B 85 2.15 -7.85 21.94
C SER B 85 1.91 -6.77 22.98
N GLN B 86 0.89 -5.96 22.77
CA GLN B 86 0.55 -4.94 23.74
C GLN B 86 -0.37 -5.53 24.80
N HIS B 87 -0.76 -6.78 24.59
CA HIS B 87 -1.44 -7.53 25.65
C HIS B 87 -0.41 -7.95 26.70
N ASN B 88 0.85 -7.96 26.28
CA ASN B 88 1.98 -8.29 27.14
C ASN B 88 2.51 -7.03 27.85
N TYR B 89 1.64 -6.03 27.95
CA TYR B 89 1.96 -4.75 28.59
C TYR B 89 1.31 -4.61 29.97
N ARG B 90 1.78 -3.62 30.73
CA ARG B 90 1.13 -3.23 31.97
C ARG B 90 1.68 -1.85 32.37
N PRO B 91 0.79 -0.89 32.59
CA PRO B 91 1.22 0.50 32.86
C PRO B 91 2.07 0.59 34.12
N GLY B 92 3.20 1.30 34.02
CA GLY B 92 4.09 1.49 35.16
C GLY B 92 5.12 0.39 35.30
N TYR B 93 5.04 -0.62 34.45
CA TYR B 93 5.97 -1.74 34.50
C TYR B 93 6.68 -1.94 33.17
N PHE B 94 7.89 -2.48 33.23
CA PHE B 94 8.69 -2.74 32.04
C PHE B 94 9.07 -4.21 31.98
N THR B 95 9.92 -4.57 31.03
CA THR B 95 10.23 -5.97 30.78
C THR B 95 10.86 -6.64 32.01
N GLN B 96 10.31 -7.78 32.41
CA GLN B 96 10.77 -8.45 33.61
C GLN B 96 11.85 -9.47 33.29
N THR B 97 12.97 -8.96 32.81
CA THR B 97 14.12 -9.78 32.44
C THR B 97 14.69 -10.46 33.68
N ALA B 98 14.69 -9.74 34.79
CA ALA B 98 15.24 -10.22 36.06
C ALA B 98 14.17 -10.82 36.96
N GLY B 99 13.01 -11.16 36.40
CA GLY B 99 11.95 -11.81 37.16
C GLY B 99 12.41 -13.21 37.55
N PRO B 100 11.72 -13.84 38.52
CA PRO B 100 12.15 -15.15 39.02
C PRO B 100 11.83 -16.30 38.07
N TRP B 101 12.43 -16.29 36.90
CA TRP B 101 12.13 -17.29 35.88
C TRP B 101 12.84 -18.61 36.15
N HIS B 102 13.60 -18.66 37.22
CA HIS B 102 14.31 -19.87 37.59
C HIS B 102 13.39 -20.85 38.32
N LEU B 103 12.18 -20.40 38.63
CA LEU B 103 11.29 -21.15 39.50
C LEU B 103 10.57 -22.33 38.86
N GLY B 104 10.71 -22.50 37.54
CA GLY B 104 9.96 -23.54 36.85
C GLY B 104 8.47 -23.21 36.84
N LYS B 105 7.68 -24.00 37.55
CA LYS B 105 6.28 -23.66 37.78
C LYS B 105 6.21 -22.30 38.46
N LEU B 106 5.47 -21.38 37.83
CA LEU B 106 5.44 -20.00 38.25
C LEU B 106 4.12 -19.34 37.86
N GLU B 107 3.58 -18.46 38.70
CA GLU B 107 2.37 -17.72 38.34
C GLU B 107 2.56 -16.20 38.44
N LEU B 108 2.24 -15.49 37.37
CA LEU B 108 2.36 -14.04 37.34
C LEU B 108 0.98 -13.37 37.37
N ASP B 109 0.73 -12.52 38.36
CA ASP B 109 -0.51 -11.75 38.38
C ASP B 109 -0.30 -10.40 39.06
N PHE B 110 -1.39 -9.68 39.30
CA PHE B 110 -1.26 -8.38 39.98
C PHE B 110 -2.10 -8.34 41.25
N ASP B 111 -1.42 -8.55 42.36
CA ASP B 111 -2.02 -8.63 43.69
C ASP B 111 -0.92 -8.41 44.71
N LEU B 112 -1.34 -8.33 45.96
CA LEU B 112 -0.45 -8.08 47.06
C LEU B 112 0.08 -9.40 47.62
N CYS B 113 1.39 -9.51 47.78
CA CYS B 113 1.98 -10.66 48.46
C CYS B 113 1.52 -10.63 49.93
N GLU B 114 1.22 -11.80 50.49
CA GLU B 114 0.70 -11.89 51.86
C GLU B 114 1.63 -11.27 52.91
N GLY B 115 1.09 -10.37 53.72
CA GLY B 115 1.88 -9.75 54.77
C GLY B 115 2.74 -8.59 54.30
N THR B 116 2.48 -8.14 53.07
CA THR B 116 3.26 -7.05 52.51
C THR B 116 2.36 -5.91 52.08
N THR B 117 2.94 -4.73 51.96
CA THR B 117 2.25 -3.59 51.40
C THR B 117 3.15 -2.92 50.38
N VAL B 118 2.54 -2.38 49.32
CA VAL B 118 3.30 -1.68 48.29
C VAL B 118 2.81 -0.25 48.13
N VAL B 119 3.76 0.68 48.08
CA VAL B 119 3.44 2.10 47.98
C VAL B 119 4.14 2.77 46.80
N VAL B 120 3.40 3.56 46.03
CA VAL B 120 4.02 4.32 44.97
C VAL B 120 4.69 5.57 45.54
N ASP B 121 6.02 5.62 45.42
CA ASP B 121 6.82 6.74 45.93
C ASP B 121 8.04 6.97 45.05
N GLU B 122 8.24 8.21 44.63
CA GLU B 122 9.36 8.54 43.75
C GLU B 122 10.68 8.46 44.49
N HIS B 123 10.61 8.39 45.82
CA HIS B 123 11.80 8.34 46.64
C HIS B 123 12.26 6.90 46.85
N CYS B 124 11.61 5.96 46.16
CA CYS B 124 11.94 4.55 46.31
C CYS B 124 13.19 4.20 45.50
N GLY B 125 13.66 2.96 45.66
CA GLY B 125 14.81 2.48 44.91
C GLY B 125 14.41 2.26 43.46
N ASN B 126 15.40 2.23 42.57
CA ASN B 126 15.10 2.04 41.17
C ASN B 126 14.84 0.57 40.82
N ARG B 127 14.57 0.28 39.55
CA ARG B 127 14.34 -1.09 39.11
C ARG B 127 15.56 -1.98 39.38
N GLY B 128 15.32 -3.19 39.86
CA GLY B 128 16.41 -4.13 40.11
C GLY B 128 15.93 -5.56 39.97
N PRO B 129 16.82 -6.53 40.23
CA PRO B 129 16.41 -7.92 40.16
C PRO B 129 15.26 -8.20 41.11
N SER B 130 14.32 -9.02 40.67
CA SER B 130 13.12 -9.32 41.45
C SER B 130 13.48 -9.96 42.81
N LEU B 131 12.76 -9.56 43.86
CA LEU B 131 13.07 -9.99 45.23
C LEU B 131 11.94 -10.80 45.83
N ARG B 132 12.29 -11.75 46.69
CA ARG B 132 11.28 -12.53 47.41
C ARG B 132 10.81 -11.80 48.67
N THR B 133 9.53 -11.94 48.99
CA THR B 133 8.95 -11.24 50.12
C THR B 133 9.36 -11.83 51.47
N THR B 134 10.04 -12.98 51.44
CA THR B 134 10.58 -13.56 52.66
C THR B 134 12.09 -13.64 52.57
N THR B 135 12.75 -13.44 53.70
CA THR B 135 14.20 -13.51 53.79
C THR B 135 14.69 -14.96 53.82
N VAL B 136 16.00 -15.15 54.03
CA VAL B 136 16.55 -16.50 54.11
C VAL B 136 16.11 -17.18 55.41
N THR B 137 15.70 -16.35 56.37
CA THR B 137 15.21 -16.79 57.66
C THR B 137 13.74 -17.21 57.56
N GLY B 138 13.04 -16.62 56.60
CA GLY B 138 11.61 -16.86 56.44
C GLY B 138 10.79 -15.68 56.93
N LYS B 139 11.50 -14.65 57.39
CA LYS B 139 10.88 -13.43 57.88
C LYS B 139 10.28 -12.63 56.73
N THR B 140 9.02 -12.22 56.89
CA THR B 140 8.29 -11.48 55.86
C THR B 140 8.61 -9.98 55.88
N ILE B 141 9.09 -9.47 54.74
CA ILE B 141 9.33 -8.05 54.56
C ILE B 141 8.00 -7.33 54.39
N HIS B 142 7.71 -6.38 55.29
CA HIS B 142 6.39 -5.80 55.32
C HIS B 142 6.22 -4.68 54.31
N GLU B 143 7.04 -3.63 54.40
CA GLU B 143 6.85 -2.45 53.56
C GLU B 143 7.68 -2.44 52.28
N TRP B 144 6.99 -2.38 51.15
CA TRP B 144 7.59 -2.31 49.83
C TRP B 144 7.12 -1.04 49.14
N CYS B 145 7.80 -0.64 48.07
CA CYS B 145 7.46 0.58 47.35
C CYS B 145 7.86 0.48 45.88
N CYS B 146 7.42 1.44 45.07
CA CYS B 146 7.86 1.49 43.69
C CYS B 146 7.86 2.95 43.29
N ARG B 147 8.75 3.32 42.38
CA ARG B 147 8.83 4.70 41.93
C ARG B 147 7.71 5.24 41.02
N SER B 148 7.47 4.57 39.91
CA SER B 148 6.46 5.00 38.95
C SER B 148 5.41 3.95 38.55
N CYS B 149 5.43 2.81 39.22
CA CYS B 149 4.57 1.69 38.83
C CYS B 149 3.10 1.92 39.25
N THR B 150 2.24 0.96 38.93
CA THR B 150 0.83 1.08 39.25
C THR B 150 0.44 -0.08 40.16
N LEU B 151 -0.71 0.07 40.82
CA LEU B 151 -1.24 -0.93 41.74
C LEU B 151 -2.51 -1.54 41.15
N PRO B 152 -2.83 -2.80 41.49
CA PRO B 152 -2.12 -3.73 42.38
C PRO B 152 -0.77 -4.16 41.82
N PRO B 153 0.19 -4.49 42.71
CA PRO B 153 1.57 -4.72 42.29
C PRO B 153 1.82 -6.02 41.51
N LEU B 154 2.86 -6.01 40.68
CA LEU B 154 3.28 -7.18 39.93
C LEU B 154 3.82 -8.26 40.87
N ARG B 155 3.22 -9.45 40.80
CA ARG B 155 3.51 -10.54 41.74
C ARG B 155 3.78 -11.85 41.01
N PHE B 156 4.84 -12.54 41.47
CA PHE B 156 5.14 -13.91 41.06
C PHE B 156 4.90 -14.87 42.24
N LYS B 157 4.38 -16.05 41.94
CA LYS B 157 4.17 -17.08 42.94
C LYS B 157 4.77 -18.41 42.51
N GLY B 158 5.74 -18.88 43.29
CA GLY B 158 6.25 -20.22 43.18
C GLY B 158 5.79 -21.00 44.40
N GLU B 159 6.17 -22.26 44.48
CA GLU B 159 5.82 -23.08 45.62
C GLU B 159 6.72 -22.79 46.82
N ASP B 160 7.82 -22.10 46.57
CA ASP B 160 8.76 -21.73 47.61
C ASP B 160 8.32 -20.47 48.36
N GLY B 161 7.72 -19.52 47.65
CA GLY B 161 7.33 -18.26 48.25
C GLY B 161 6.71 -17.26 47.29
N CYS B 162 6.75 -15.99 47.66
CA CYS B 162 6.14 -14.94 46.86
C CYS B 162 7.15 -13.87 46.46
N TRP B 163 7.04 -13.40 45.22
CA TRP B 163 8.00 -12.47 44.63
C TRP B 163 7.31 -11.23 44.07
N TYR B 164 8.06 -10.14 43.96
CA TYR B 164 7.53 -8.90 43.40
C TYR B 164 8.27 -8.53 42.11
N GLY B 165 7.63 -7.72 41.27
CA GLY B 165 8.24 -7.27 40.04
C GLY B 165 9.51 -6.48 40.27
N MSE B 166 10.22 -6.18 39.18
CA MSE B 166 11.50 -5.48 39.29
C MSE B 166 11.40 -4.05 39.81
O MSE B 166 12.38 -3.49 40.30
CB MSE B 166 12.18 -5.47 37.93
CG MSE B 166 12.53 -6.85 37.45
SE MSE B 166 13.53 -6.76 35.81
CE MSE B 166 14.86 -5.43 36.34
N GLU B 167 10.22 -3.47 39.68
CA GLU B 167 10.00 -2.08 40.09
C GLU B 167 9.71 -1.95 41.58
N ILE B 168 9.37 -3.07 42.22
CA ILE B 168 8.94 -3.04 43.61
C ILE B 168 10.12 -3.41 44.51
N ARG B 169 10.58 -2.44 45.30
CA ARG B 169 11.73 -2.63 46.15
C ARG B 169 11.36 -2.47 47.61
N PRO B 170 12.12 -3.08 48.51
CA PRO B 170 11.85 -2.85 49.92
C PRO B 170 12.12 -1.40 50.36
N VAL B 171 11.31 -0.89 51.28
CA VAL B 171 11.37 0.46 51.81
C VAL B 171 12.56 0.57 52.76
N LYS B 172 12.83 -0.37 53.68
CA LYS B 172 13.85 0.07 54.63
C LYS B 172 15.14 -0.68 54.45
N GLU B 173 15.12 -1.57 53.47
CA GLU B 173 16.16 -2.53 53.17
C GLU B 173 17.45 -2.12 52.43
N LYS B 174 18.56 -1.97 53.15
CA LYS B 174 19.89 -1.83 52.53
C LYS B 174 20.71 -2.79 53.38
N GLU B 175 20.92 -3.98 52.83
CA GLU B 175 21.60 -5.13 53.44
C GLU B 175 22.35 -5.91 52.37
N GLU B 176 23.48 -6.51 52.74
CA GLU B 176 24.12 -7.39 51.78
C GLU B 176 23.48 -8.79 51.72
N ASN B 177 22.47 -9.07 52.54
CA ASN B 177 21.65 -10.29 52.42
C ASN B 177 20.18 -10.10 51.98
N LEU B 178 19.76 -10.85 50.96
CA LEU B 178 18.43 -10.80 50.30
C LEU B 178 18.23 -11.93 49.31
N VAL B 179 17.02 -12.49 49.25
CA VAL B 179 16.76 -13.49 48.23
C VAL B 179 16.20 -12.77 47.00
N LYS B 180 16.95 -12.94 45.92
CA LYS B 180 16.76 -12.29 44.63
C LYS B 180 16.81 -13.33 43.51
N SER B 181 16.04 -13.08 42.45
CA SER B 181 16.04 -14.03 41.34
C SER B 181 17.40 -14.08 40.66
N MSE B 182 17.56 -15.16 39.90
CA MSE B 182 18.87 -15.64 39.52
C MSE B 182 19.00 -15.65 38.04
O MSE B 182 19.92 -16.25 37.50
CB MSE B 182 19.03 -17.05 40.05
CG MSE B 182 18.56 -17.17 41.47
SE MSE B 182 19.19 -18.81 42.23
CE MSE B 182 17.77 -20.04 41.77
N VAL B 183 18.06 -14.99 37.36
CA VAL B 183 18.17 -14.94 35.93
C VAL B 183 18.16 -13.52 35.40
N SER B 184 19.07 -13.25 34.48
CA SER B 184 19.14 -11.94 33.83
C SER B 184 18.77 -12.20 32.38
N ALA B 185 18.05 -11.31 31.73
CA ALA B 185 17.72 -11.52 30.32
C ALA B 185 18.04 -10.30 29.48
N VAL C 11 -1.66 -2.27 -36.59
CA VAL C 11 -1.84 -0.90 -37.05
C VAL C 11 -1.50 0.06 -35.90
N CYS C 12 -1.59 -0.46 -34.67
CA CYS C 12 -1.25 0.33 -33.48
C CYS C 12 0.01 -0.18 -32.78
N ASP C 13 1.09 0.60 -32.91
CA ASP C 13 2.38 0.28 -32.34
C ASP C 13 2.74 1.25 -31.22
N HIS C 14 2.90 0.69 -30.02
CA HIS C 14 3.17 1.49 -28.83
C HIS C 14 4.56 2.11 -28.79
N ARG C 15 5.52 1.47 -29.46
CA ARG C 15 6.90 1.92 -29.38
C ARG C 15 7.10 3.31 -29.99
N LEU C 16 6.21 3.69 -30.90
CA LEU C 16 6.26 4.99 -31.54
C LEU C 16 5.88 6.11 -30.56
N MSE C 17 5.10 5.76 -29.54
CA MSE C 17 4.60 6.74 -28.58
C MSE C 17 5.63 7.19 -27.55
O MSE C 17 6.12 6.39 -26.75
CB MSE C 17 3.35 6.22 -27.86
CG MSE C 17 2.05 6.60 -28.55
SE MSE C 17 0.70 5.23 -28.26
CE MSE C 17 -0.83 6.08 -29.12
N SER C 18 5.92 8.48 -27.58
CA SER C 18 6.88 9.12 -26.70
C SER C 18 6.20 10.13 -25.79
N ALA C 19 6.78 10.37 -24.63
CA ALA C 19 6.35 11.43 -23.74
C ALA C 19 7.57 12.01 -23.06
N ALA C 20 7.64 13.34 -22.97
CA ALA C 20 8.75 14.01 -22.30
C ALA C 20 8.29 15.28 -21.60
N ILE C 21 8.84 15.57 -20.44
CA ILE C 21 8.57 16.84 -19.79
C ILE C 21 9.86 17.43 -19.23
N LYS C 22 10.11 18.70 -19.54
CA LYS C 22 11.27 19.40 -19.01
C LYS C 22 10.89 20.88 -18.87
N ASP C 23 11.29 21.48 -17.75
CA ASP C 23 11.01 22.90 -17.49
C ASP C 23 9.52 23.18 -17.61
N SER C 24 9.15 24.12 -18.47
CA SER C 24 7.75 24.51 -18.63
C SER C 24 7.02 23.86 -19.81
N LYS C 25 7.63 22.87 -20.43
CA LYS C 25 7.09 22.29 -21.66
C LYS C 25 7.00 20.75 -21.57
N ALA C 26 5.83 20.22 -21.94
CA ALA C 26 5.59 18.78 -21.97
C ALA C 26 5.05 18.35 -23.34
N VAL C 27 5.43 17.16 -23.77
CA VAL C 27 5.02 16.67 -25.08
C VAL C 27 4.65 15.18 -25.05
N HIS C 28 3.46 14.86 -25.54
CA HIS C 28 3.10 13.50 -25.88
C HIS C 28 3.10 13.42 -27.40
N ALA C 29 3.93 12.56 -27.97
CA ALA C 29 4.05 12.55 -29.42
C ALA C 29 4.12 11.14 -29.98
N ASP C 30 3.81 10.99 -31.25
CA ASP C 30 4.10 9.75 -31.96
C ASP C 30 4.35 10.03 -33.43
N MSE C 31 4.07 9.03 -34.26
CA MSE C 31 4.32 9.11 -35.69
C MSE C 31 3.57 10.26 -36.36
O MSE C 31 4.15 11.03 -37.14
CB MSE C 31 3.98 7.78 -36.34
CG MSE C 31 4.22 7.72 -37.83
SE MSE C 31 3.88 5.90 -38.47
CE MSE C 31 5.69 5.11 -38.23
N GLY C 32 2.28 10.39 -36.05
CA GLY C 32 1.45 11.41 -36.66
C GLY C 32 0.96 12.46 -35.69
N TYR C 33 1.26 12.28 -34.41
CA TYR C 33 0.79 13.18 -33.36
C TYR C 33 1.89 14.02 -32.75
N TRP C 34 1.56 15.29 -32.48
CA TRP C 34 2.45 16.10 -31.66
C TRP C 34 1.58 16.90 -30.71
N ILE C 35 1.64 16.59 -29.42
CA ILE C 35 0.76 17.24 -28.44
C ILE C 35 1.55 17.93 -27.34
N GLU C 36 1.49 19.25 -27.35
CA GLU C 36 2.28 20.07 -26.44
C GLU C 36 1.43 20.77 -25.38
N SER C 37 1.87 20.58 -24.14
CA SER C 37 1.30 21.20 -22.96
C SER C 37 2.36 22.12 -22.37
N GLU C 38 1.94 23.25 -21.84
CA GLU C 38 2.87 24.22 -21.28
C GLU C 38 2.46 24.63 -19.87
N LYS C 39 3.38 25.27 -19.16
CA LYS C 39 3.05 25.74 -17.81
C LYS C 39 3.10 27.24 -17.76
N ASN C 40 1.91 27.84 -17.64
CA ASN C 40 1.74 29.20 -17.19
C ASN C 40 0.72 29.15 -16.08
N GLU C 41 1.14 29.50 -14.86
CA GLU C 41 0.27 29.45 -13.67
C GLU C 41 0.01 27.98 -13.34
N THR C 42 -0.54 27.28 -14.33
CA THR C 42 -0.92 25.88 -14.26
C THR C 42 -0.63 25.19 -15.59
N TRP C 43 -0.47 23.87 -15.54
CA TRP C 43 -0.26 23.07 -16.74
C TRP C 43 -1.58 22.91 -17.51
N LYS C 44 -1.55 23.16 -18.81
CA LYS C 44 -2.72 22.98 -19.65
C LYS C 44 -2.32 22.80 -21.12
N LEU C 45 -3.26 22.27 -21.91
CA LEU C 45 -3.01 22.03 -23.33
C LEU C 45 -2.68 23.33 -24.06
N ALA C 46 -1.61 23.30 -24.86
CA ALA C 46 -1.18 24.48 -25.62
C ALA C 46 -1.40 24.26 -27.11
N ARG C 47 -0.70 23.28 -27.68
CA ARG C 47 -0.75 23.04 -29.12
C ARG C 47 -0.92 21.54 -29.41
N ALA C 48 -1.45 21.24 -30.59
CA ALA C 48 -1.56 19.88 -31.08
C ALA C 48 -1.49 19.89 -32.60
N SER C 49 -0.73 18.97 -33.17
CA SER C 49 -0.66 18.85 -34.62
C SER C 49 -0.94 17.40 -34.99
N PHE C 50 -1.82 17.25 -35.97
CA PHE C 50 -2.21 15.95 -36.47
C PHE C 50 -1.96 15.85 -37.97
N ILE C 51 -1.05 14.97 -38.37
CA ILE C 51 -0.85 14.68 -39.78
C ILE C 51 -2.00 13.82 -40.30
N GLU C 52 -2.39 12.86 -39.47
CA GLU C 52 -3.54 12.02 -39.71
C GLU C 52 -4.15 11.65 -38.37
N VAL C 53 -5.47 11.76 -38.24
CA VAL C 53 -6.13 11.38 -37.01
C VAL C 53 -6.13 9.87 -36.88
N LYS C 54 -5.65 9.37 -35.74
CA LYS C 54 -5.56 7.93 -35.54
C LYS C 54 -6.49 7.48 -34.42
N THR C 55 -6.92 6.23 -34.48
CA THR C 55 -7.91 5.74 -33.54
C THR C 55 -7.26 4.95 -32.39
N CYS C 56 -5.94 4.92 -32.35
CA CYS C 56 -5.24 4.15 -31.32
C CYS C 56 -5.46 4.74 -29.93
N ILE C 57 -5.50 3.89 -28.92
CA ILE C 57 -5.63 4.33 -27.55
C ILE C 57 -4.24 4.59 -26.97
N TRP C 58 -4.10 5.66 -26.20
CA TRP C 58 -2.79 5.99 -25.65
C TRP C 58 -2.59 5.27 -24.30
N PRO C 59 -1.58 4.39 -24.25
CA PRO C 59 -1.30 3.64 -23.01
C PRO C 59 -0.83 4.58 -21.90
N LYS C 60 -1.40 4.40 -20.71
CA LYS C 60 -1.08 5.25 -19.57
C LYS C 60 0.36 5.10 -19.11
N SER C 61 0.99 3.98 -19.49
CA SER C 61 2.40 3.75 -19.21
C SER C 61 3.25 4.79 -19.93
N HIS C 62 2.80 5.20 -21.11
CA HIS C 62 3.51 6.23 -21.89
C HIS C 62 2.91 7.62 -21.65
N THR C 63 2.05 7.72 -20.64
CA THR C 63 1.34 8.97 -20.36
C THR C 63 1.80 9.71 -19.10
N LEU C 64 2.04 11.02 -19.25
CA LEU C 64 2.31 11.88 -18.11
C LEU C 64 1.03 12.27 -17.40
N TRP C 65 1.08 12.33 -16.07
CA TRP C 65 -0.04 12.84 -15.28
C TRP C 65 -1.36 12.16 -15.62
N SER C 66 -1.37 10.84 -15.56
CA SER C 66 -2.52 10.06 -16.00
C SER C 66 -3.50 9.74 -14.87
N ASN C 67 -3.23 10.30 -13.70
CA ASN C 67 -4.05 10.08 -12.51
C ASN C 67 -5.23 11.04 -12.36
N GLY C 68 -6.34 10.52 -11.84
CA GLY C 68 -7.52 11.32 -11.54
C GLY C 68 -8.08 12.04 -12.75
N VAL C 69 -7.92 11.43 -13.92
CA VAL C 69 -8.37 12.03 -15.17
C VAL C 69 -9.85 11.81 -15.44
N LEU C 70 -10.57 12.92 -15.61
CA LEU C 70 -11.97 12.89 -16.00
C LEU C 70 -12.13 12.86 -17.51
N GLU C 71 -12.91 11.89 -17.99
CA GLU C 71 -13.10 11.68 -19.41
C GLU C 71 -13.70 12.93 -20.02
N SER C 72 -14.54 13.62 -19.25
CA SER C 72 -15.25 14.79 -19.73
C SER C 72 -14.38 16.00 -20.02
N GLU C 73 -13.22 16.07 -19.38
CA GLU C 73 -12.34 17.23 -19.52
C GLU C 73 -11.23 17.07 -20.58
N MSE C 74 -10.99 15.84 -21.03
CA MSE C 74 -9.94 15.57 -22.02
C MSE C 74 -10.26 16.22 -23.35
O MSE C 74 -11.09 15.70 -24.09
CB MSE C 74 -9.75 14.07 -22.23
CG MSE C 74 -9.28 13.32 -21.00
SE MSE C 74 -9.40 11.38 -21.28
CE MSE C 74 -8.22 11.24 -22.81
N ILE C 75 -9.61 17.34 -23.66
CA ILE C 75 -9.84 18.09 -24.90
C ILE C 75 -9.82 17.19 -26.14
N ILE C 76 -8.74 16.43 -26.28
CA ILE C 76 -8.65 15.44 -27.33
C ILE C 76 -9.24 14.12 -26.81
N PRO C 77 -10.31 13.64 -27.46
CA PRO C 77 -11.00 12.39 -27.04
C PRO C 77 -10.04 11.20 -27.02
N LYS C 78 -10.19 10.30 -26.05
CA LYS C 78 -9.29 9.16 -25.98
C LYS C 78 -9.44 8.24 -27.19
N ILE C 79 -10.62 8.26 -27.80
CA ILE C 79 -10.91 7.43 -28.96
C ILE C 79 -10.09 7.88 -30.18
N TYR C 80 -9.69 9.14 -30.18
CA TYR C 80 -8.88 9.67 -31.27
C TYR C 80 -7.40 9.75 -30.88
N GLY C 81 -7.04 9.11 -29.78
CA GLY C 81 -5.64 9.04 -29.39
C GLY C 81 -5.21 10.11 -28.42
N GLY C 82 -6.20 10.78 -27.83
CA GLY C 82 -5.95 11.77 -26.80
C GLY C 82 -5.41 11.11 -25.54
N PRO C 83 -4.24 11.57 -25.08
CA PRO C 83 -3.65 10.98 -23.88
C PRO C 83 -4.57 11.14 -22.68
N ILE C 84 -4.64 10.12 -21.84
CA ILE C 84 -5.46 10.20 -20.66
C ILE C 84 -4.62 10.90 -19.63
N SER C 85 -4.76 12.23 -19.60
CA SER C 85 -3.82 13.10 -18.93
C SER C 85 -4.44 14.45 -18.59
N GLN C 86 -3.91 15.11 -17.56
CA GLN C 86 -4.39 16.43 -17.19
C GLN C 86 -3.65 17.48 -18.00
N HIS C 87 -2.68 17.02 -18.78
CA HIS C 87 -2.05 17.84 -19.79
C HIS C 87 -3.01 17.99 -20.98
N ASN C 88 -3.96 17.07 -21.06
CA ASN C 88 -5.00 17.09 -22.09
C ASN C 88 -6.20 17.91 -21.62
N TYR C 89 -5.96 18.81 -20.67
CA TYR C 89 -6.99 19.66 -20.10
C TYR C 89 -6.86 21.10 -20.61
N ARG C 90 -7.91 21.89 -20.38
CA ARG C 90 -7.88 23.32 -20.62
C ARG C 90 -9.07 23.93 -19.91
N PRO C 91 -8.82 24.91 -19.04
CA PRO C 91 -9.90 25.48 -18.23
C PRO C 91 -11.00 26.08 -19.10
N GLY C 92 -12.25 25.74 -18.79
CA GLY C 92 -13.40 26.27 -19.51
C GLY C 92 -13.79 25.44 -20.71
N TYR C 93 -13.01 24.41 -21.01
CA TYR C 93 -13.27 23.55 -22.15
C TYR C 93 -13.42 22.10 -21.72
N PHE C 94 -14.20 21.35 -22.48
CA PHE C 94 -14.43 19.95 -22.19
C PHE C 94 -14.07 19.10 -23.40
N THR C 95 -14.37 17.81 -23.31
CA THR C 95 -13.95 16.86 -24.34
C THR C 95 -14.55 17.24 -25.69
N GLN C 96 -13.71 17.33 -26.71
CA GLN C 96 -14.18 17.76 -28.02
C GLN C 96 -14.55 16.56 -28.88
N THR C 97 -15.57 15.83 -28.43
CA THR C 97 -16.04 14.65 -29.14
C THR C 97 -16.58 15.05 -30.50
N ALA C 98 -17.26 16.19 -30.54
CA ALA C 98 -17.87 16.68 -31.77
C ALA C 98 -16.97 17.70 -32.49
N GLY C 99 -15.69 17.71 -32.14
CA GLY C 99 -14.71 18.57 -32.81
C GLY C 99 -14.48 18.15 -34.25
N PRO C 100 -13.88 19.02 -35.08
CA PRO C 100 -13.72 18.70 -36.51
C PRO C 100 -12.61 17.70 -36.79
N TRP C 101 -12.76 16.48 -36.29
CA TRP C 101 -11.71 15.47 -36.43
C TRP C 101 -11.73 14.80 -37.79
N HIS C 102 -12.67 15.24 -38.63
CA HIS C 102 -12.80 14.71 -39.98
C HIS C 102 -11.80 15.36 -40.91
N LEU C 103 -11.08 16.37 -40.42
CA LEU C 103 -10.26 17.18 -41.31
C LEU C 103 -8.95 16.53 -41.75
N GLY C 104 -8.62 15.36 -41.19
CA GLY C 104 -7.33 14.75 -41.49
C GLY C 104 -6.18 15.55 -40.89
N LYS C 105 -5.38 16.16 -41.77
CA LYS C 105 -4.39 17.12 -41.32
C LYS C 105 -5.12 18.21 -40.56
N LEU C 106 -4.70 18.45 -39.32
CA LEU C 106 -5.42 19.33 -38.42
C LEU C 106 -4.50 19.95 -37.38
N GLU C 107 -4.73 21.22 -37.04
CA GLU C 107 -3.97 21.86 -35.96
C GLU C 107 -4.89 22.44 -34.88
N LEU C 108 -4.62 22.05 -33.63
CA LEU C 108 -5.39 22.52 -32.47
C LEU C 108 -4.56 23.49 -31.64
N ASP C 109 -5.05 24.71 -31.45
CA ASP C 109 -4.38 25.64 -30.54
C ASP C 109 -5.42 26.56 -29.92
N PHE C 110 -4.96 27.57 -29.21
CA PHE C 110 -5.87 28.52 -28.60
C PHE C 110 -5.57 29.91 -29.11
N ASP C 111 -6.37 30.31 -30.08
CA ASP C 111 -6.19 31.59 -30.76
C ASP C 111 -7.49 31.98 -31.44
N LEU C 112 -7.49 33.19 -31.98
CA LEU C 112 -8.67 33.74 -32.62
C LEU C 112 -8.66 33.35 -34.10
N CYS C 113 -9.77 32.83 -34.59
CA CYS C 113 -9.90 32.62 -36.04
C CYS C 113 -9.90 33.97 -36.73
N GLU C 114 -9.22 34.06 -37.87
CA GLU C 114 -9.09 35.32 -38.59
C GLU C 114 -10.46 35.88 -38.96
N GLY C 115 -10.71 37.14 -38.59
CA GLY C 115 -11.97 37.79 -38.89
C GLY C 115 -13.09 37.49 -37.92
N THR C 116 -12.75 36.90 -36.79
CA THR C 116 -13.76 36.54 -35.79
C THR C 116 -13.43 37.13 -34.42
N THR C 117 -14.44 37.25 -33.56
CA THR C 117 -14.22 37.65 -32.18
C THR C 117 -14.98 36.71 -31.26
N VAL C 118 -14.41 36.42 -30.10
CA VAL C 118 -15.07 35.57 -29.11
C VAL C 118 -15.24 36.29 -27.77
N VAL C 119 -16.44 36.19 -27.21
CA VAL C 119 -16.77 36.86 -25.95
C VAL C 119 -17.33 35.86 -24.94
N VAL C 120 -16.83 35.92 -23.71
CA VAL C 120 -17.38 35.08 -22.65
C VAL C 120 -18.69 35.71 -22.14
N ASP C 121 -19.78 35.00 -22.36
CA ASP C 121 -21.12 35.45 -21.96
C ASP C 121 -22.06 34.31 -21.55
N GLU C 122 -22.69 34.41 -20.39
CA GLU C 122 -23.58 33.34 -19.92
C GLU C 122 -24.87 33.29 -20.72
N HIS C 123 -25.12 34.34 -21.51
CA HIS C 123 -26.33 34.40 -22.30
C HIS C 123 -26.12 33.74 -23.65
N CYS C 124 -24.94 33.16 -23.84
CA CYS C 124 -24.58 32.51 -25.10
C CYS C 124 -25.24 31.14 -25.20
N GLY C 125 -25.10 30.49 -26.36
CA GLY C 125 -25.62 29.15 -26.53
C GLY C 125 -24.77 28.14 -25.77
N ASN C 126 -25.33 26.97 -25.48
CA ASN C 126 -24.58 25.96 -24.74
C ASN C 126 -23.63 25.19 -25.67
N ARG C 127 -22.89 24.24 -25.12
CA ARG C 127 -21.97 23.42 -25.93
C ARG C 127 -22.72 22.65 -27.02
N GLY C 128 -22.15 22.63 -28.21
CA GLY C 128 -22.73 21.89 -29.31
C GLY C 128 -21.62 21.44 -30.24
N PRO C 129 -21.98 20.79 -31.37
CA PRO C 129 -21.00 20.36 -32.34
C PRO C 129 -20.17 21.53 -32.86
N SER C 130 -18.88 21.28 -33.06
CA SER C 130 -17.94 22.32 -33.48
C SER C 130 -18.35 22.94 -34.81
N LEU C 131 -18.19 24.26 -34.90
CA LEU C 131 -18.66 24.98 -36.08
C LEU C 131 -17.52 25.65 -36.84
N ARG C 132 -17.69 25.71 -38.16
CA ARG C 132 -16.74 26.39 -39.02
C ARG C 132 -17.07 27.89 -39.06
N THR C 133 -16.05 28.73 -39.16
CA THR C 133 -16.25 30.18 -39.11
C THR C 133 -16.85 30.74 -40.40
N THR C 134 -16.96 29.89 -41.42
CA THR C 134 -17.62 30.28 -42.65
C THR C 134 -18.83 29.38 -42.89
N THR C 135 -19.87 29.97 -43.46
CA THR C 135 -21.09 29.24 -43.79
C THR C 135 -20.90 28.40 -45.06
N VAL C 136 -21.96 27.79 -45.57
CA VAL C 136 -21.86 27.00 -46.80
C VAL C 136 -21.63 27.92 -48.00
N THR C 137 -21.96 29.18 -47.82
CA THR C 137 -21.77 30.20 -48.85
C THR C 137 -20.33 30.68 -48.86
N GLY C 138 -19.68 30.57 -47.71
CA GLY C 138 -18.32 31.04 -47.54
C GLY C 138 -18.26 32.34 -46.77
N LYS C 139 -19.42 32.82 -46.34
CA LYS C 139 -19.51 34.05 -45.57
C LYS C 139 -18.99 33.84 -44.15
N THR C 140 -18.13 34.75 -43.69
CA THR C 140 -17.52 34.63 -42.37
C THR C 140 -18.38 35.18 -41.24
N ILE C 141 -18.70 34.33 -40.28
CA ILE C 141 -19.40 34.76 -39.06
C ILE C 141 -18.43 35.50 -38.15
N HIS C 142 -18.74 36.76 -37.84
CA HIS C 142 -17.81 37.64 -37.15
C HIS C 142 -17.86 37.43 -35.64
N GLU C 143 -19.03 37.61 -35.05
CA GLU C 143 -19.15 37.60 -33.61
C GLU C 143 -19.50 36.24 -33.03
N TRP C 144 -18.61 35.75 -32.17
CA TRP C 144 -18.80 34.47 -31.50
C TRP C 144 -18.79 34.65 -29.98
N CYS C 145 -19.26 33.64 -29.25
CA CYS C 145 -19.32 33.71 -27.79
C CYS C 145 -19.24 32.34 -27.12
N CYS C 146 -19.07 32.33 -25.79
CA CYS C 146 -19.10 31.09 -25.02
C CYS C 146 -19.62 31.38 -23.63
N ARG C 147 -20.28 30.39 -23.04
CA ARG C 147 -20.83 30.54 -21.68
C ARG C 147 -19.85 30.59 -20.51
N SER C 148 -19.01 29.58 -20.37
CA SER C 148 -18.06 29.55 -19.26
C SER C 148 -16.59 29.34 -19.66
N CYS C 149 -16.29 29.36 -20.95
CA CYS C 149 -14.94 29.02 -21.41
C CYS C 149 -13.94 30.16 -21.17
N THR C 150 -12.68 29.94 -21.52
CA THR C 150 -11.63 30.93 -21.33
C THR C 150 -11.03 31.34 -22.66
N LEU C 151 -10.32 32.46 -22.65
CA LEU C 151 -9.66 33.01 -23.83
C LEU C 151 -8.14 32.93 -23.66
N PRO C 152 -7.41 32.82 -24.77
CA PRO C 152 -7.83 32.79 -26.18
C PRO C 152 -8.61 31.52 -26.49
N PRO C 153 -9.52 31.58 -27.48
CA PRO C 153 -10.48 30.51 -27.75
C PRO C 153 -9.88 29.24 -28.37
N LEU C 154 -10.56 28.11 -28.14
CA LEU C 154 -10.16 26.83 -28.71
C LEU C 154 -10.36 26.87 -30.23
N ARG C 155 -9.29 26.61 -30.97
CA ARG C 155 -9.28 26.76 -32.41
C ARG C 155 -8.73 25.52 -33.11
N PHE C 156 -9.44 25.11 -34.16
CA PHE C 156 -8.97 24.09 -35.09
C PHE C 156 -8.66 24.72 -36.46
N LYS C 157 -7.60 24.27 -37.09
CA LYS C 157 -7.27 24.72 -38.44
C LYS C 157 -7.01 23.53 -39.37
N GLY C 158 -7.85 23.44 -40.40
CA GLY C 158 -7.63 22.53 -41.50
C GLY C 158 -7.23 23.36 -42.71
N GLU C 159 -6.99 22.69 -43.83
CA GLU C 159 -6.63 23.40 -45.06
C GLU C 159 -7.86 24.03 -45.71
N ASP C 160 -9.04 23.60 -45.28
CA ASP C 160 -10.28 24.13 -45.81
C ASP C 160 -10.67 25.46 -45.15
N GLY C 161 -10.43 25.57 -43.86
CA GLY C 161 -10.82 26.75 -43.11
C GLY C 161 -10.50 26.67 -41.63
N CYS C 162 -11.21 27.48 -40.85
CA CYS C 162 -10.98 27.56 -39.42
C CYS C 162 -12.25 27.24 -38.62
N TRP C 163 -12.05 26.50 -37.53
CA TRP C 163 -13.15 25.98 -36.71
C TRP C 163 -12.96 26.36 -35.26
N TYR C 164 -14.07 26.38 -34.52
CA TYR C 164 -14.00 26.70 -33.10
C TYR C 164 -14.41 25.53 -32.24
N GLY C 165 -13.95 25.54 -30.99
CA GLY C 165 -14.30 24.50 -30.04
C GLY C 165 -15.79 24.47 -29.79
N MSE C 166 -16.25 23.36 -29.25
CA MSE C 166 -17.67 23.14 -29.04
C MSE C 166 -18.35 24.20 -28.18
O MSE C 166 -19.53 24.49 -28.36
CB MSE C 166 -17.86 21.76 -28.45
CG MSE C 166 -17.40 20.65 -29.39
SE MSE C 166 -17.78 18.90 -28.68
CE MSE C 166 -19.59 19.23 -28.01
N GLU C 167 -17.60 24.76 -27.24
CA GLU C 167 -18.15 25.76 -26.31
C GLU C 167 -18.45 27.09 -27.00
N ILE C 168 -17.87 27.28 -28.18
CA ILE C 168 -17.95 28.55 -28.89
C ILE C 168 -19.04 28.54 -29.96
N ARG C 169 -20.08 29.35 -29.75
CA ARG C 169 -21.24 29.40 -30.64
C ARG C 169 -21.38 30.79 -31.27
N PRO C 170 -22.03 30.89 -32.44
CA PRO C 170 -22.27 32.23 -32.99
C PRO C 170 -23.24 33.04 -32.12
N VAL C 171 -23.04 34.36 -31.95
CA VAL C 171 -23.97 35.09 -31.07
C VAL C 171 -25.37 35.38 -31.68
N LYS C 172 -25.34 35.92 -32.91
CA LYS C 172 -26.49 36.45 -33.64
C LYS C 172 -26.85 35.78 -34.96
N GLU C 173 -26.19 34.70 -35.33
CA GLU C 173 -26.30 34.22 -36.71
C GLU C 173 -27.63 33.55 -37.03
N LYS C 174 -28.41 34.35 -37.75
CA LYS C 174 -29.67 34.01 -38.39
C LYS C 174 -29.59 32.99 -39.51
N GLU C 175 -28.57 33.04 -40.37
CA GLU C 175 -28.63 32.06 -41.45
C GLU C 175 -28.28 30.66 -41.02
N GLU C 176 -29.12 29.71 -41.41
CA GLU C 176 -28.74 28.33 -41.24
C GLU C 176 -27.99 28.05 -42.54
N ASN C 177 -26.83 28.63 -42.74
CA ASN C 177 -26.04 28.20 -43.86
C ASN C 177 -24.86 27.52 -43.25
N LEU C 178 -25.02 27.24 -41.96
CA LEU C 178 -23.94 26.71 -41.15
C LEU C 178 -23.28 25.39 -41.47
N VAL C 179 -21.95 25.43 -41.36
CA VAL C 179 -21.03 24.31 -41.45
C VAL C 179 -20.72 23.81 -40.05
N LYS C 180 -20.94 22.54 -39.78
CA LYS C 180 -20.79 22.00 -38.45
C LYS C 180 -19.92 20.75 -38.56
N SER C 181 -19.12 20.50 -37.54
CA SER C 181 -18.26 19.34 -37.55
C SER C 181 -19.01 18.03 -37.55
N MSE C 182 -18.41 17.08 -38.24
CA MSE C 182 -19.14 15.99 -38.86
C MSE C 182 -18.90 14.66 -38.19
O MSE C 182 -19.49 13.64 -38.57
CB MSE C 182 -18.70 15.90 -40.32
CG MSE C 182 -18.44 17.28 -40.91
SE MSE C 182 -17.97 17.11 -42.77
CE MSE C 182 -19.43 15.89 -43.18
N VAL C 183 -18.04 14.66 -37.17
CA VAL C 183 -17.81 13.43 -36.42
C VAL C 183 -18.97 13.23 -35.46
N SER C 184 -19.46 11.99 -35.39
CA SER C 184 -20.55 11.63 -34.49
C SER C 184 -20.21 11.87 -33.03
N ALA C 185 -21.23 12.29 -32.27
CA ALA C 185 -21.12 12.54 -30.84
C ALA C 185 -20.22 13.74 -30.53
N VAL D 11 13.99 25.17 -1.61
CA VAL D 11 14.90 24.03 -1.56
C VAL D 11 14.38 22.92 -2.47
N CYS D 12 13.08 22.93 -2.73
CA CYS D 12 12.45 21.98 -3.63
C CYS D 12 11.96 22.72 -4.87
N ASP D 13 12.65 22.49 -5.98
CA ASP D 13 12.30 23.16 -7.23
C ASP D 13 11.78 22.14 -8.23
N HIS D 14 10.55 22.34 -8.68
CA HIS D 14 9.89 21.39 -9.57
C HIS D 14 10.53 21.42 -10.95
N ARG D 15 11.06 22.57 -11.32
CA ARG D 15 11.60 22.78 -12.67
C ARG D 15 12.81 21.89 -12.93
N LEU D 16 13.48 21.44 -11.87
CA LEU D 16 14.65 20.57 -12.02
C LEU D 16 14.26 19.18 -12.50
N MSE D 17 13.00 18.80 -12.30
CA MSE D 17 12.54 17.46 -12.62
C MSE D 17 12.10 17.25 -14.06
O MSE D 17 11.39 18.06 -14.64
CB MSE D 17 11.44 17.04 -11.66
CG MSE D 17 11.95 16.76 -10.27
SE MSE D 17 10.53 16.84 -8.95
CE MSE D 17 11.50 16.11 -7.41
N SER D 18 12.53 16.11 -14.62
CA SER D 18 12.26 15.71 -15.98
C SER D 18 11.72 14.29 -15.99
N ALA D 19 10.94 13.97 -17.00
CA ALA D 19 10.50 12.60 -17.22
C ALA D 19 10.43 12.38 -18.70
N ALA D 20 10.90 11.22 -19.15
CA ALA D 20 10.82 10.90 -20.57
C ALA D 20 10.61 9.42 -20.78
N ILE D 21 9.82 9.06 -21.78
CA ILE D 21 9.68 7.67 -22.16
C ILE D 21 9.74 7.54 -23.68
N LYS D 22 10.58 6.62 -24.13
CA LYS D 22 10.73 6.31 -25.54
C LYS D 22 11.12 4.85 -25.70
N ASP D 23 10.50 4.17 -26.67
CA ASP D 23 10.83 2.76 -26.94
C ASP D 23 10.65 1.92 -25.68
N SER D 24 11.71 1.22 -25.27
CA SER D 24 11.65 0.33 -24.11
C SER D 24 12.20 0.96 -22.81
N LYS D 25 12.46 2.26 -22.82
CA LYS D 25 13.14 2.92 -21.71
C LYS D 25 12.41 4.16 -21.19
N ALA D 26 12.25 4.24 -19.87
CA ALA D 26 11.63 5.39 -19.23
C ALA D 26 12.55 5.94 -18.15
N VAL D 27 12.55 7.25 -17.95
CA VAL D 27 13.43 7.89 -16.97
C VAL D 27 12.71 9.02 -16.24
N HIS D 28 12.72 8.98 -14.91
CA HIS D 28 12.37 10.14 -14.10
C HIS D 28 13.65 10.67 -13.48
N ALA D 29 14.03 11.92 -13.77
CA ALA D 29 15.31 12.41 -13.29
C ALA D 29 15.26 13.85 -12.80
N ASP D 30 16.23 14.23 -11.98
CA ASP D 30 16.44 15.64 -11.66
C ASP D 30 17.91 15.88 -11.36
N MSE D 31 18.20 16.87 -10.54
CA MSE D 31 19.58 17.29 -10.30
C MSE D 31 20.44 16.18 -9.68
O MSE D 31 21.55 15.93 -10.14
CB MSE D 31 19.61 18.55 -9.41
CG MSE D 31 21.01 19.09 -9.12
SE MSE D 31 20.86 20.78 -8.13
CE MSE D 31 20.54 22.02 -9.62
N GLY D 32 19.89 15.51 -8.68
CA GLY D 32 20.60 14.43 -8.01
C GLY D 32 19.99 13.05 -8.23
N TYR D 33 18.86 13.01 -8.92
CA TYR D 33 18.15 11.74 -9.11
C TYR D 33 18.21 11.26 -10.54
N TRP D 34 18.39 9.95 -10.69
CA TRP D 34 18.22 9.33 -11.99
C TRP D 34 17.50 7.99 -11.82
N ILE D 35 16.26 7.89 -12.29
CA ILE D 35 15.47 6.69 -12.08
C ILE D 35 15.03 6.08 -13.42
N GLU D 36 15.59 4.92 -13.76
CA GLU D 36 15.33 4.29 -15.04
C GLU D 36 14.50 3.01 -14.94
N SER D 37 13.44 2.97 -15.75
CA SER D 37 12.55 1.83 -15.88
C SER D 37 12.65 1.23 -17.28
N GLU D 38 12.57 -0.09 -17.39
CA GLU D 38 12.69 -0.71 -18.70
C GLU D 38 11.56 -1.67 -18.97
N LYS D 39 11.40 -2.04 -20.24
CA LYS D 39 10.36 -2.99 -20.65
C LYS D 39 10.91 -4.30 -21.25
N ASN D 40 10.76 -5.39 -20.51
CA ASN D 40 10.83 -6.74 -21.07
C ASN D 40 9.57 -7.42 -20.61
N GLU D 41 8.70 -7.79 -21.55
CA GLU D 41 7.40 -8.39 -21.24
C GLU D 41 6.55 -7.28 -20.62
N THR D 42 7.07 -6.70 -19.54
CA THR D 42 6.40 -5.65 -18.79
C THR D 42 7.34 -4.56 -18.28
N TRP D 43 6.76 -3.38 -18.02
CA TRP D 43 7.50 -2.26 -17.47
C TRP D 43 7.77 -2.46 -15.99
N LYS D 44 9.02 -2.27 -15.57
CA LYS D 44 9.36 -2.36 -14.16
C LYS D 44 10.65 -1.60 -13.87
N LEU D 45 10.88 -1.28 -12.61
CA LEU D 45 12.08 -0.54 -12.19
C LEU D 45 13.34 -1.30 -12.55
N ALA D 46 14.30 -0.61 -13.14
CA ALA D 46 15.55 -1.24 -13.55
C ALA D 46 16.71 -0.71 -12.72
N ARG D 47 16.98 0.58 -12.84
CA ARG D 47 18.12 1.21 -12.18
C ARG D 47 17.76 2.52 -11.50
N ALA D 48 18.56 2.91 -10.51
CA ALA D 48 18.41 4.21 -9.87
C ALA D 48 19.77 4.67 -9.36
N SER D 49 20.08 5.93 -9.60
CA SER D 49 21.32 6.52 -9.10
C SER D 49 20.98 7.78 -8.35
N PHE D 50 21.55 7.88 -7.16
CA PHE D 50 21.36 9.02 -6.29
C PHE D 50 22.71 9.62 -5.94
N ILE D 51 22.97 10.85 -6.37
CA ILE D 51 24.18 11.55 -5.94
C ILE D 51 23.95 11.99 -4.51
N GLU D 52 22.74 12.46 -4.24
CA GLU D 52 22.33 12.78 -2.88
C GLU D 52 20.83 12.53 -2.73
N VAL D 53 20.44 11.85 -1.66
CA VAL D 53 19.02 11.60 -1.42
C VAL D 53 18.31 12.87 -0.96
N LYS D 54 17.22 13.22 -1.65
CA LYS D 54 16.47 14.43 -1.34
C LYS D 54 15.07 14.05 -0.85
N THR D 55 14.45 14.92 -0.06
CA THR D 55 13.17 14.59 0.56
C THR D 55 11.96 15.20 -0.17
N CYS D 56 12.21 15.82 -1.33
CA CYS D 56 11.14 16.47 -2.08
C CYS D 56 10.11 15.47 -2.63
N ILE D 57 8.86 15.92 -2.73
CA ILE D 57 7.80 15.08 -3.30
C ILE D 57 7.74 15.28 -4.81
N TRP D 58 7.54 14.18 -5.53
CA TRP D 58 7.51 14.21 -6.98
C TRP D 58 6.11 14.52 -7.47
N PRO D 59 5.96 15.65 -8.17
CA PRO D 59 4.67 16.11 -8.71
C PRO D 59 4.15 15.16 -9.77
N LYS D 60 2.87 14.82 -9.67
CA LYS D 60 2.26 13.89 -10.60
C LYS D 60 2.20 14.45 -12.03
N SER D 61 2.30 15.77 -12.14
CA SER D 61 2.37 16.42 -13.44
C SER D 61 3.63 16.00 -14.19
N HIS D 62 4.71 15.79 -13.44
CA HIS D 62 5.99 15.35 -14.00
C HIS D 62 6.12 13.83 -13.91
N THR D 63 5.04 13.15 -13.59
CA THR D 63 5.11 11.70 -13.39
C THR D 63 4.46 10.92 -14.53
N LEU D 64 5.20 9.93 -15.03
CA LEU D 64 4.70 8.97 -16.00
C LEU D 64 3.91 7.90 -15.30
N TRP D 65 2.80 7.48 -15.91
CA TRP D 65 2.06 6.34 -15.42
C TRP D 65 1.70 6.50 -13.95
N SER D 66 1.08 7.63 -13.61
CA SER D 66 0.83 7.96 -12.21
C SER D 66 -0.55 7.52 -11.73
N ASN D 67 -1.27 6.80 -12.57
CA ASN D 67 -2.62 6.33 -12.25
C ASN D 67 -2.67 4.96 -11.57
N GLY D 68 -3.61 4.81 -10.64
CA GLY D 68 -3.86 3.55 -9.95
C GLY D 68 -2.67 2.97 -9.20
N VAL D 69 -1.82 3.85 -8.70
CA VAL D 69 -0.62 3.47 -7.99
C VAL D 69 -0.89 3.15 -6.52
N LEU D 70 -0.52 1.93 -6.11
CA LEU D 70 -0.60 1.54 -4.70
C LEU D 70 0.70 1.94 -4.01
N GLU D 71 0.60 2.66 -2.90
CA GLU D 71 1.79 3.20 -2.22
C GLU D 71 2.79 2.14 -1.73
N SER D 72 2.28 0.99 -1.31
CA SER D 72 3.11 -0.09 -0.77
C SER D 72 3.96 -0.72 -1.86
N GLU D 73 3.53 -0.56 -3.11
CA GLU D 73 4.23 -1.20 -4.23
C GLU D 73 5.29 -0.31 -4.85
N MSE D 74 5.35 0.95 -4.42
CA MSE D 74 6.41 1.85 -4.91
C MSE D 74 7.70 1.46 -4.25
O MSE D 74 7.83 1.58 -3.05
CB MSE D 74 6.11 3.29 -4.53
CG MSE D 74 4.83 3.85 -5.11
SE MSE D 74 4.45 5.54 -4.25
CE MSE D 74 6.13 6.46 -4.67
N ILE D 75 8.68 1.04 -5.04
CA ILE D 75 9.98 0.63 -4.51
C ILE D 75 10.69 1.77 -3.79
N ILE D 76 10.86 2.90 -4.48
CA ILE D 76 11.42 4.10 -3.87
C ILE D 76 10.31 4.93 -3.23
N PRO D 77 10.40 5.13 -1.90
CA PRO D 77 9.38 5.88 -1.16
C PRO D 77 9.15 7.28 -1.70
N LYS D 78 7.90 7.75 -1.69
CA LYS D 78 7.60 9.08 -2.20
C LYS D 78 8.24 10.15 -1.31
N ILE D 79 8.47 9.81 -0.05
CA ILE D 79 9.06 10.77 0.89
C ILE D 79 10.52 11.06 0.53
N TYR D 80 11.18 10.11 -0.14
CA TYR D 80 12.56 10.30 -0.59
C TYR D 80 12.58 10.66 -2.07
N GLY D 81 11.42 10.97 -2.62
CA GLY D 81 11.33 11.45 -3.99
C GLY D 81 11.03 10.38 -5.02
N GLY D 82 10.60 9.22 -4.55
CA GLY D 82 10.18 8.17 -5.45
C GLY D 82 8.90 8.57 -6.18
N PRO D 83 8.93 8.56 -7.52
CA PRO D 83 7.75 8.95 -8.29
C PRO D 83 6.56 8.06 -7.98
N ILE D 84 5.38 8.65 -7.92
CA ILE D 84 4.18 7.86 -7.67
C ILE D 84 3.76 7.31 -9.02
N SER D 85 4.24 6.12 -9.33
CA SER D 85 4.20 5.59 -10.69
C SER D 85 4.35 4.08 -10.69
N GLN D 86 3.84 3.45 -11.74
CA GLN D 86 3.96 2.01 -11.86
C GLN D 86 5.29 1.62 -12.51
N HIS D 87 6.06 2.62 -12.96
CA HIS D 87 7.45 2.39 -13.36
C HIS D 87 8.32 2.19 -12.11
N ASN D 88 7.79 2.67 -10.99
CA ASN D 88 8.43 2.56 -9.69
C ASN D 88 8.02 1.26 -9.00
N TYR D 89 7.62 0.27 -9.80
CA TYR D 89 7.20 -1.02 -9.28
C TYR D 89 8.30 -2.04 -9.55
N ARG D 90 8.21 -3.19 -8.89
CA ARG D 90 9.06 -4.34 -9.19
C ARG D 90 8.43 -5.55 -8.53
N PRO D 91 8.19 -6.59 -9.34
CA PRO D 91 7.48 -7.78 -8.87
C PRO D 91 8.22 -8.48 -7.73
N GLY D 92 7.48 -8.81 -6.67
CA GLY D 92 8.05 -9.50 -5.53
C GLY D 92 8.62 -8.55 -4.50
N TYR D 93 8.61 -7.26 -4.83
CA TYR D 93 9.14 -6.27 -3.91
C TYR D 93 8.12 -5.19 -3.58
N PHE D 94 8.24 -4.64 -2.39
CA PHE D 94 7.34 -3.59 -1.94
C PHE D 94 8.15 -2.38 -1.51
N THR D 95 7.49 -1.38 -0.93
CA THR D 95 8.16 -0.11 -0.64
C THR D 95 9.34 -0.28 0.34
N GLN D 96 10.50 0.26 -0.07
CA GLN D 96 11.73 0.12 0.70
C GLN D 96 11.93 1.28 1.67
N THR D 97 11.02 1.38 2.63
CA THR D 97 11.05 2.41 3.65
C THR D 97 12.27 2.29 4.53
N ALA D 98 12.65 1.05 4.82
CA ALA D 98 13.78 0.78 5.69
C ALA D 98 15.07 0.55 4.90
N GLY D 99 15.09 0.97 3.64
CA GLY D 99 16.29 0.88 2.82
C GLY D 99 17.40 1.81 3.30
N PRO D 100 18.64 1.58 2.84
CA PRO D 100 19.80 2.36 3.29
C PRO D 100 19.87 3.74 2.65
N TRP D 101 18.89 4.60 2.90
CA TRP D 101 18.86 5.91 2.25
C TRP D 101 19.79 6.93 2.91
N HIS D 102 20.47 6.49 3.95
CA HIS D 102 21.42 7.30 4.69
C HIS D 102 22.77 7.38 3.99
N LEU D 103 22.94 6.60 2.93
CA LEU D 103 24.25 6.41 2.33
C LEU D 103 24.72 7.59 1.46
N GLY D 104 23.85 8.58 1.25
CA GLY D 104 24.20 9.66 0.34
C GLY D 104 24.26 9.16 -1.08
N LYS D 105 25.46 9.14 -1.66
CA LYS D 105 25.69 8.48 -2.93
C LYS D 105 25.26 7.01 -2.84
N LEU D 106 24.36 6.61 -3.73
CA LEU D 106 23.73 5.30 -3.64
C LEU D 106 23.31 4.78 -5.02
N GLU D 107 23.45 3.47 -5.23
CA GLU D 107 22.97 2.87 -6.47
C GLU D 107 21.98 1.73 -6.22
N LEU D 108 20.80 1.82 -6.81
CA LEU D 108 19.80 0.78 -6.66
C LEU D 108 19.69 0.00 -7.97
N ASP D 109 19.92 -1.30 -7.93
CA ASP D 109 19.68 -2.11 -9.12
C ASP D 109 19.26 -3.54 -8.77
N PHE D 110 19.18 -4.41 -9.77
CA PHE D 110 18.83 -5.78 -9.48
C PHE D 110 19.92 -6.71 -9.97
N ASP D 111 20.75 -7.12 -9.02
CA ASP D 111 21.90 -7.96 -9.25
C ASP D 111 22.31 -8.56 -7.93
N LEU D 112 23.28 -9.45 -7.98
CA LEU D 112 23.75 -10.17 -6.82
C LEU D 112 24.88 -9.38 -6.15
N CYS D 113 24.77 -9.18 -4.83
CA CYS D 113 25.88 -8.61 -4.06
C CYS D 113 27.06 -9.59 -4.10
N GLU D 114 28.27 -9.05 -4.22
CA GLU D 114 29.48 -9.85 -4.35
C GLU D 114 29.69 -10.84 -3.20
N GLY D 115 29.87 -12.11 -3.53
CA GLY D 115 30.12 -13.14 -2.53
C GLY D 115 28.86 -13.67 -1.88
N THR D 116 27.71 -13.33 -2.45
CA THR D 116 26.43 -13.73 -1.91
C THR D 116 25.55 -14.46 -2.92
N THR D 117 24.59 -15.22 -2.41
CA THR D 117 23.55 -15.85 -3.22
C THR D 117 22.21 -15.59 -2.56
N VAL D 118 21.17 -15.43 -3.39
CA VAL D 118 19.82 -15.23 -2.89
C VAL D 118 18.93 -16.32 -3.44
N VAL D 119 18.12 -16.91 -2.56
CA VAL D 119 17.25 -18.00 -2.93
C VAL D 119 15.82 -17.69 -2.53
N VAL D 120 14.86 -17.88 -3.43
CA VAL D 120 13.46 -17.70 -3.06
C VAL D 120 13.02 -18.95 -2.31
N ASP D 121 12.70 -18.77 -1.03
CA ASP D 121 12.28 -19.89 -0.19
C ASP D 121 11.27 -19.39 0.83
N GLU D 122 10.14 -20.10 0.96
CA GLU D 122 9.08 -19.67 1.88
C GLU D 122 9.47 -19.85 3.35
N HIS D 123 10.55 -20.58 3.61
CA HIS D 123 10.99 -20.82 4.98
C HIS D 123 11.91 -19.69 5.46
N CYS D 124 12.07 -18.66 4.64
CA CYS D 124 12.93 -17.54 4.98
C CYS D 124 12.25 -16.58 5.96
N GLY D 125 13.01 -15.59 6.45
CA GLY D 125 12.48 -14.56 7.32
C GLY D 125 11.60 -13.60 6.54
N ASN D 126 10.74 -12.87 7.24
CA ASN D 126 9.85 -11.92 6.58
C ASN D 126 10.58 -10.62 6.27
N ARG D 127 9.88 -9.65 5.68
CA ARG D 127 10.43 -8.34 5.36
C ARG D 127 10.93 -7.68 6.64
N GLY D 128 12.11 -7.07 6.57
CA GLY D 128 12.66 -6.38 7.71
C GLY D 128 13.54 -5.24 7.26
N PRO D 129 14.19 -4.55 8.21
CA PRO D 129 15.09 -3.48 7.79
C PRO D 129 16.17 -4.00 6.85
N SER D 130 16.50 -3.20 5.85
CA SER D 130 17.47 -3.57 4.83
C SER D 130 18.81 -3.82 5.50
N LEU D 131 19.52 -4.85 5.04
CA LEU D 131 20.76 -5.27 5.70
C LEU D 131 21.98 -5.15 4.80
N ARG D 132 23.13 -4.84 5.39
CA ARG D 132 24.39 -4.79 4.67
C ARG D 132 24.98 -6.20 4.59
N THR D 133 25.64 -6.52 3.48
CA THR D 133 26.16 -7.86 3.28
C THR D 133 27.40 -8.18 4.12
N THR D 134 27.95 -7.17 4.79
CA THR D 134 29.06 -7.43 5.71
C THR D 134 28.63 -7.05 7.12
N THR D 135 29.11 -7.82 8.10
CA THR D 135 28.82 -7.53 9.49
C THR D 135 29.69 -6.36 9.94
N VAL D 136 29.67 -6.06 11.24
CA VAL D 136 30.50 -4.99 11.78
C VAL D 136 31.96 -5.45 11.76
N THR D 137 32.17 -6.75 11.64
CA THR D 137 33.49 -7.34 11.59
C THR D 137 34.08 -7.25 10.18
N GLY D 138 33.20 -7.19 9.18
CA GLY D 138 33.64 -7.16 7.80
C GLY D 138 33.43 -8.52 7.17
N LYS D 139 32.90 -9.43 7.97
CA LYS D 139 32.63 -10.78 7.51
C LYS D 139 31.46 -10.73 6.53
N THR D 140 31.63 -11.36 5.38
CA THR D 140 30.59 -11.36 4.35
C THR D 140 29.54 -12.44 4.59
N ILE D 141 28.29 -12.01 4.72
CA ILE D 141 27.20 -12.97 4.80
C ILE D 141 26.93 -13.55 3.42
N HIS D 142 27.08 -14.88 3.32
CA HIS D 142 27.05 -15.57 2.05
C HIS D 142 25.65 -15.95 1.56
N GLU D 143 24.92 -16.71 2.35
CA GLU D 143 23.63 -17.25 1.92
C GLU D 143 22.46 -16.36 2.32
N TRP D 144 21.71 -15.89 1.31
CA TRP D 144 20.53 -15.07 1.55
C TRP D 144 19.29 -15.69 0.93
N CYS D 145 18.14 -15.20 1.36
CA CYS D 145 16.86 -15.71 0.88
C CYS D 145 15.76 -14.66 0.94
N CYS D 146 14.65 -14.99 0.32
CA CYS D 146 13.46 -14.15 0.38
C CYS D 146 12.26 -15.08 0.25
N ARG D 147 11.16 -14.69 0.87
CA ARG D 147 9.94 -15.49 0.83
C ARG D 147 9.21 -15.53 -0.50
N SER D 148 8.86 -14.37 -1.01
CA SER D 148 8.14 -14.26 -2.27
C SER D 148 8.76 -13.35 -3.33
N CYS D 149 9.97 -12.85 -3.12
CA CYS D 149 10.55 -11.85 -4.03
C CYS D 149 11.02 -12.50 -5.34
N THR D 150 11.53 -11.68 -6.27
CA THR D 150 11.98 -12.20 -7.56
C THR D 150 13.47 -11.93 -7.79
N LEU D 151 14.04 -12.64 -8.74
CA LEU D 151 15.45 -12.51 -9.08
C LEU D 151 15.64 -11.88 -10.46
N PRO D 152 16.76 -11.16 -10.68
CA PRO D 152 17.84 -10.88 -9.74
C PRO D 152 17.37 -9.99 -8.59
N PRO D 153 17.99 -10.11 -7.41
CA PRO D 153 17.55 -9.47 -6.17
C PRO D 153 17.75 -7.95 -6.10
N LEU D 154 16.92 -7.29 -5.30
CA LEU D 154 17.04 -5.85 -5.07
C LEU D 154 18.34 -5.57 -4.31
N ARG D 155 19.16 -4.71 -4.89
CA ARG D 155 20.49 -4.44 -4.39
C ARG D 155 20.75 -2.94 -4.27
N PHE D 156 21.33 -2.53 -3.15
CA PHE D 156 21.83 -1.18 -2.97
C PHE D 156 23.35 -1.21 -2.93
N LYS D 157 24.02 -0.24 -3.53
CA LYS D 157 25.48 -0.15 -3.43
C LYS D 157 25.90 1.25 -3.02
N GLY D 158 26.54 1.34 -1.87
CA GLY D 158 27.21 2.55 -1.45
C GLY D 158 28.70 2.30 -1.53
N GLU D 159 29.50 3.30 -1.18
CA GLU D 159 30.96 3.14 -1.18
C GLU D 159 31.43 2.35 0.03
N ASP D 160 30.54 2.21 1.01
CA ASP D 160 30.83 1.46 2.22
C ASP D 160 30.67 -0.04 1.99
N GLY D 161 29.66 -0.41 1.21
CA GLY D 161 29.36 -1.81 0.98
C GLY D 161 28.14 -2.06 0.11
N CYS D 162 27.59 -3.26 0.24
CA CYS D 162 26.45 -3.69 -0.56
C CYS D 162 25.30 -4.08 0.35
N TRP D 163 24.08 -3.72 -0.03
CA TRP D 163 22.89 -3.92 0.78
C TRP D 163 21.82 -4.65 0.01
N TYR D 164 20.90 -5.32 0.71
CA TYR D 164 19.83 -6.02 0.02
C TYR D 164 18.49 -5.39 0.38
N GLY D 165 17.49 -5.57 -0.50
CA GLY D 165 16.16 -5.08 -0.27
C GLY D 165 15.58 -5.70 0.99
N MSE D 166 14.53 -5.08 1.51
CA MSE D 166 13.94 -5.48 2.79
C MSE D 166 13.48 -6.93 2.82
O MSE D 166 13.47 -7.57 3.86
CB MSE D 166 12.78 -4.56 3.13
CG MSE D 166 13.22 -3.14 3.43
SE MSE D 166 11.73 -1.98 3.89
CE MSE D 166 10.99 -2.99 5.37
N GLU D 167 13.11 -7.45 1.65
CA GLU D 167 12.56 -8.79 1.54
C GLU D 167 13.64 -9.87 1.67
N ILE D 168 14.90 -9.46 1.52
CA ILE D 168 16.02 -10.39 1.50
C ILE D 168 16.71 -10.48 2.85
N ARG D 169 16.61 -11.65 3.47
CA ARG D 169 17.13 -11.90 4.80
C ARG D 169 18.19 -12.99 4.78
N PRO D 170 19.11 -13.00 5.76
CA PRO D 170 20.08 -14.09 5.84
C PRO D 170 19.37 -15.41 6.13
N VAL D 171 19.85 -16.51 5.55
CA VAL D 171 19.19 -17.81 5.74
C VAL D 171 19.43 -18.39 7.14
N LYS D 172 20.71 -18.35 7.54
CA LYS D 172 21.21 -19.00 8.73
C LYS D 172 21.76 -18.08 9.79
N GLU D 173 21.66 -16.76 9.67
CA GLU D 173 22.48 -15.96 10.57
C GLU D 173 21.95 -16.02 12.00
N LYS D 174 22.59 -16.88 12.79
CA LYS D 174 22.36 -16.93 14.21
C LYS D 174 22.90 -15.74 15.02
N GLU D 175 24.15 -15.33 14.78
CA GLU D 175 24.68 -14.21 15.55
C GLU D 175 24.16 -12.95 14.86
N GLU D 176 23.64 -12.00 15.61
CA GLU D 176 23.27 -10.68 15.09
C GLU D 176 24.44 -9.63 15.13
N ASN D 177 25.39 -9.66 14.19
CA ASN D 177 26.38 -8.57 14.12
C ASN D 177 26.08 -7.71 12.89
N LEU D 178 24.85 -7.93 12.42
CA LEU D 178 24.30 -7.32 11.24
C LEU D 178 24.24 -5.82 11.31
N VAL D 179 24.56 -5.17 10.19
CA VAL D 179 24.41 -3.73 10.06
C VAL D 179 23.06 -3.46 9.42
N LYS D 180 22.19 -2.71 10.06
CA LYS D 180 20.88 -2.52 9.47
C LYS D 180 20.47 -1.06 9.47
N SER D 181 19.80 -0.65 8.41
CA SER D 181 19.29 0.70 8.28
C SER D 181 18.18 0.90 9.30
N MSE D 182 18.17 2.04 9.99
CA MSE D 182 17.22 2.20 11.10
C MSE D 182 16.12 3.26 10.87
O MSE D 182 15.33 3.54 11.76
CB MSE D 182 17.97 2.46 12.43
CG MSE D 182 18.97 1.38 12.84
SE MSE D 182 18.08 -0.32 13.25
CE MSE D 182 16.91 0.23 14.74
N VAL D 183 16.09 3.84 9.67
CA VAL D 183 15.07 4.83 9.29
C VAL D 183 13.71 4.16 9.04
N SER D 184 12.65 4.78 9.57
CA SER D 184 11.28 4.31 9.41
C SER D 184 10.34 5.18 8.57
N ALA D 185 9.46 4.51 7.83
CA ALA D 185 8.43 5.10 6.97
C ALA D 185 8.99 5.83 5.76
S SO4 E . 6.67 -11.30 10.93
O1 SO4 E . 5.56 -11.13 11.85
O2 SO4 E . 7.09 -10.00 10.43
O3 SO4 E . 7.79 -11.95 11.60
O4 SO4 E . 6.26 -12.15 9.82
S SO4 F . 5.07 -2.27 13.07
O1 SO4 F . 4.93 -2.16 14.52
O2 SO4 F . 5.12 -0.95 12.47
O3 SO4 F . 6.30 -3.01 12.76
O4 SO4 F . 3.92 -2.97 12.54
S SO4 G . 4.04 -20.27 11.39
O1 SO4 G . 4.20 -19.38 12.54
O2 SO4 G . 3.89 -19.45 10.20
O3 SO4 G . 5.22 -21.11 11.26
O4 SO4 G . 2.87 -21.11 11.58
S SO4 H . -10.75 -1.70 22.14
O1 SO4 H . -10.62 -1.29 23.55
O2 SO4 H . -11.29 -0.59 21.37
O3 SO4 H . -9.42 -2.04 21.62
O4 SO4 H . -11.63 -2.86 22.04
S SO4 I . -3.20 0.91 -16.93
O1 SO4 I . -3.38 1.40 -15.57
O2 SO4 I . -2.79 1.98 -17.82
O3 SO4 I . -2.15 -0.10 -16.96
O4 SO4 I . -4.46 0.34 -17.40
S SO4 J . -15.97 -14.58 -24.30
O1 SO4 J . -17.07 -14.83 -23.36
O2 SO4 J . -15.59 -13.17 -24.28
O3 SO4 J . -14.82 -15.39 -23.93
O4 SO4 J . -16.42 -14.96 -25.63
S SO4 K . 9.92 -4.32 57.22
O1 SO4 K . 9.56 -4.09 58.62
O2 SO4 K . 9.37 -3.25 56.39
O3 SO4 K . 11.37 -4.36 57.07
O4 SO4 K . 9.36 -5.61 56.81
S SO4 L . -3.54 0.97 18.03
O1 SO4 L . -3.84 1.32 19.42
O2 SO4 L . -3.45 2.20 17.25
O3 SO4 L . -2.27 0.25 17.98
O4 SO4 L . -4.63 0.15 17.49
S SO4 M . -6.41 7.11 -10.14
O1 SO4 M . -7.16 7.11 -8.88
O2 SO4 M . -6.46 8.44 -10.73
O3 SO4 M . -5.02 6.77 -9.85
O4 SO4 M . -6.98 6.13 -11.06
S SO4 N . -1.67 16.59 -8.18
O1 SO4 N . -2.04 16.15 -6.82
O2 SO4 N . -2.11 17.97 -8.36
O3 SO4 N . -0.23 16.51 -8.34
O4 SO4 N . -2.35 15.73 -9.16
S SO4 O . -22.12 38.14 -38.01
O1 SO4 O . -22.30 37.68 -36.64
O2 SO4 O . -22.33 39.58 -38.11
O3 SO4 O . -20.77 37.84 -38.46
O4 SO4 O . -23.06 37.44 -38.89
S SO4 P . 3.94 21.83 -11.05
O1 SO4 P . 3.86 21.36 -9.67
O2 SO4 P . 3.14 23.06 -11.22
O3 SO4 P . 5.32 22.13 -11.40
O4 SO4 P . 3.40 20.80 -11.93
S SO4 Q . 3.38 -0.88 -23.32
O1 SO4 Q . 2.45 -0.34 -22.33
O2 SO4 Q . 3.40 -0.02 -24.49
O3 SO4 Q . 4.72 -0.92 -22.76
O4 SO4 Q . 2.98 -2.24 -23.68
S SO4 R . 26.73 -17.49 5.96
O1 SO4 R . 26.13 -17.73 7.27
O2 SO4 R . 26.67 -16.08 5.65
O3 SO4 R . 28.14 -17.90 5.98
O4 SO4 R . 25.99 -18.25 4.96
#